data_6VWF
#
_entry.id   6VWF
#
_cell.length_a   158.148
_cell.length_b   163.466
_cell.length_c   84.341
_cell.angle_alpha   90.000
_cell.angle_beta   90.000
_cell.angle_gamma   90.000
#
_symmetry.space_group_name_H-M   'C 2 2 2'
#
loop_
_entity.id
_entity.type
_entity.pdbx_description
1 polymer '4-trimethylaminobutyraldehyde dehydrogenase'
2 non-polymer NICOTINAMIDE-ADENINE-DINUCLEOTIDE
3 water water
#
_entity_poly.entity_id   1
_entity_poly.type   'polypeptide(L)'
_entity_poly.pdbx_seq_one_letter_code
;MSTGTFVVSQPLNYRGGARVEPADASGTEKAFEPATGRVIATFTCSGEKEVNLAVQNAKAAFKIWSQKSGMERCRILLEA
ARIIREREDEIATMECINNGKSIFEARLDIDISWQCLEYYAGLAASMAGEHIQLPGGSFGYTRREPLGVCVGIGAWNYPF
QIASWKSAPALACGNAMVFKPSPFTPVSALLLAEIYSEAGVPPGLFNVVQGGAATGQFLCQHPDVAKVSFTGSVPTGMKI
MEMSAKGIKPVTLELGGKSPLIIFSDCDMNNAVKGALMANFLTQGQVCCNGTRVFVQKEILDKFTEEVVKQTQRIKIGDP
LLEDTRMGPLINRPHLERVLGFVKVAKEQGAKVLCGGDIYVPEDPKLKDGYYMRPCVLTNCRDDMTCVKEEIFGPVMSIL
SFDTEAEVLERANDTTFGLAAGVFTRDIQRAHRVVAELQAGTCFINNYNVSPVELPFGGYKKSGFGRENGRVTIEYYSQL
KTVCVEMGDVESAF
;
_entity_poly.pdbx_strand_id   A,B
#
loop_
_chem_comp.id
_chem_comp.type
_chem_comp.name
_chem_comp.formula
NAD non-polymer NICOTINAMIDE-ADENINE-DINUCLEOTIDE 'C21 H27 N7 O14 P2'
#
# COMPACT_ATOMS: atom_id res chain seq x y z
N MET A 1 -26.53 -18.35 -5.89
CA MET A 1 -27.27 -18.81 -4.72
C MET A 1 -28.40 -17.85 -4.32
N SER A 2 -29.55 -18.41 -3.97
CA SER A 2 -30.70 -17.66 -3.53
C SER A 2 -31.08 -18.07 -2.11
N THR A 3 -31.98 -17.31 -1.51
CA THR A 3 -32.38 -17.53 -0.13
C THR A 3 -33.34 -18.71 -0.04
N GLY A 4 -33.04 -19.64 0.87
CA GLY A 4 -33.88 -20.78 1.11
C GLY A 4 -33.46 -22.07 0.41
N THR A 5 -32.24 -22.15 -0.10
CA THR A 5 -31.76 -23.34 -0.79
C THR A 5 -30.40 -23.82 -0.34
N PHE A 6 -29.56 -22.97 0.23
CA PHE A 6 -28.19 -23.36 0.52
C PHE A 6 -28.11 -24.28 1.73
N VAL A 7 -27.30 -25.33 1.60
CA VAL A 7 -26.85 -26.13 2.73
C VAL A 7 -25.34 -26.33 2.57
N VAL A 8 -24.64 -26.34 3.70
CA VAL A 8 -23.20 -26.65 3.68
C VAL A 8 -23.01 -28.10 3.28
N SER A 9 -22.07 -28.35 2.36
CA SER A 9 -21.81 -29.69 1.86
C SER A 9 -20.37 -30.14 2.08
N GLN A 10 -19.54 -29.32 2.70
CA GLN A 10 -18.13 -29.59 2.91
C GLN A 10 -17.76 -29.35 4.37
N PRO A 11 -16.66 -29.92 4.84
CA PRO A 11 -16.23 -29.66 6.22
C PRO A 11 -15.98 -28.18 6.46
N LEU A 12 -16.09 -27.77 7.72
CA LEU A 12 -16.04 -26.36 8.08
C LEU A 12 -14.78 -25.98 8.85
N ASN A 13 -13.84 -26.90 9.03
CA ASN A 13 -12.51 -26.56 9.48
C ASN A 13 -11.57 -26.47 8.28
N TYR A 14 -10.45 -25.79 8.46
CA TYR A 14 -9.50 -25.55 7.38
C TYR A 14 -8.10 -25.76 7.91
N ARG A 15 -7.38 -26.72 7.34
CA ARG A 15 -6.03 -27.04 7.76
C ARG A 15 -5.22 -27.48 6.54
N GLY A 16 -3.94 -27.12 6.52
CA GLY A 16 -3.05 -27.49 5.45
C GLY A 16 -3.56 -27.11 4.07
N GLY A 17 -4.31 -26.01 3.98
CA GLY A 17 -4.83 -25.55 2.71
C GLY A 17 -6.03 -26.29 2.20
N ALA A 18 -6.78 -26.98 3.06
CA ALA A 18 -7.95 -27.72 2.62
C ALA A 18 -8.97 -27.78 3.75
N ARG A 19 -10.22 -28.01 3.36
CA ARG A 19 -11.30 -28.20 4.33
C ARG A 19 -11.24 -29.61 4.91
N VAL A 20 -11.20 -29.70 6.24
CA VAL A 20 -11.10 -30.97 6.94
C VAL A 20 -12.14 -31.02 8.04
N GLU A 21 -12.59 -32.23 8.36
CA GLU A 21 -13.42 -32.44 9.53
C GLU A 21 -12.56 -32.41 10.79
N PRO A 22 -13.06 -31.82 11.89
CA PRO A 22 -12.27 -31.76 13.11
C PRO A 22 -11.90 -33.15 13.61
N ALA A 23 -10.61 -33.35 13.87
CA ALA A 23 -10.15 -34.61 14.44
C ALA A 23 -10.67 -34.83 15.86
N ASP A 24 -11.10 -33.77 16.54
CA ASP A 24 -11.53 -33.82 17.91
C ASP A 24 -12.84 -33.04 18.04
N ALA A 25 -13.70 -33.48 18.95
CA ALA A 25 -14.99 -32.86 19.17
C ALA A 25 -15.07 -32.27 20.58
N SER A 26 -15.72 -31.11 20.69
CA SER A 26 -16.03 -30.49 21.98
C SER A 26 -17.46 -30.01 22.03
N GLY A 27 -18.30 -30.47 21.10
CA GLY A 27 -19.68 -30.04 21.01
C GLY A 27 -20.16 -30.17 19.59
N THR A 28 -21.47 -29.98 19.42
CA THR A 28 -22.12 -30.05 18.11
C THR A 28 -23.14 -28.93 18.03
N GLU A 29 -22.96 -28.03 17.07
CA GLU A 29 -23.80 -26.86 16.93
C GLU A 29 -24.43 -26.79 15.54
N LYS A 30 -25.55 -26.08 15.46
CA LYS A 30 -26.30 -25.88 14.23
C LYS A 30 -26.13 -24.45 13.75
N ALA A 31 -25.83 -24.29 12.47
CA ALA A 31 -25.80 -22.98 11.83
C ALA A 31 -27.10 -22.78 11.06
N PHE A 32 -27.63 -21.56 11.12
CA PHE A 32 -28.94 -21.26 10.55
C PHE A 32 -28.82 -20.26 9.40
N GLU A 33 -29.80 -20.32 8.50
CA GLU A 33 -30.09 -19.23 7.58
C GLU A 33 -31.20 -18.41 8.21
N PRO A 34 -30.89 -17.31 8.90
CA PRO A 34 -31.93 -16.63 9.69
C PRO A 34 -33.07 -16.06 8.87
N ALA A 35 -32.90 -15.87 7.56
CA ALA A 35 -34.01 -15.38 6.74
C ALA A 35 -35.14 -16.41 6.64
N THR A 36 -34.82 -17.69 6.81
CA THR A 36 -35.79 -18.76 6.65
C THR A 36 -35.87 -19.69 7.86
N GLY A 37 -34.93 -19.62 8.79
CA GLY A 37 -34.91 -20.55 9.91
C GLY A 37 -34.36 -21.91 9.58
N ARG A 38 -33.93 -22.14 8.34
CA ARG A 38 -33.42 -23.44 7.94
C ARG A 38 -32.06 -23.71 8.57
N VAL A 39 -31.73 -24.99 8.72
CA VAL A 39 -30.43 -25.41 9.21
C VAL A 39 -29.53 -25.62 8.00
N ILE A 40 -28.54 -24.73 7.83
CA ILE A 40 -27.63 -24.86 6.71
C ILE A 40 -26.43 -25.76 7.01
N ALA A 41 -26.13 -26.00 8.28
CA ALA A 41 -25.03 -26.87 8.65
C ALA A 41 -25.21 -27.36 10.08
N THR A 42 -24.82 -28.61 10.31
CA THR A 42 -24.62 -29.14 11.65
C THR A 42 -23.16 -29.55 11.73
N PHE A 43 -22.36 -28.76 12.44
CA PHE A 43 -20.91 -28.92 12.40
C PHE A 43 -20.39 -29.30 13.78
N THR A 44 -19.18 -29.85 13.78
CA THR A 44 -18.52 -30.30 14.99
C THR A 44 -17.66 -29.18 15.57
N CYS A 45 -17.86 -28.89 16.85
CA CYS A 45 -16.98 -27.94 17.52
C CYS A 45 -15.64 -28.62 17.81
N SER A 46 -14.56 -27.90 17.54
CA SER A 46 -13.23 -28.50 17.59
C SER A 46 -12.84 -28.80 19.04
N GLY A 47 -12.20 -29.95 19.24
CA GLY A 47 -11.69 -30.34 20.53
C GLY A 47 -10.23 -29.94 20.71
N GLU A 48 -9.62 -30.50 21.76
CA GLU A 48 -8.25 -30.14 22.08
C GLU A 48 -7.27 -30.60 21.01
N LYS A 49 -7.45 -31.82 20.50
CA LYS A 49 -6.49 -32.34 19.53
C LYS A 49 -6.63 -31.69 18.16
N GLU A 50 -7.86 -31.31 17.77
CA GLU A 50 -8.02 -30.54 16.54
C GLU A 50 -7.35 -29.18 16.65
N VAL A 51 -7.52 -28.51 17.79
CA VAL A 51 -6.84 -27.24 18.02
C VAL A 51 -5.33 -27.42 17.93
N ASN A 52 -4.81 -28.52 18.49
CA ASN A 52 -3.37 -28.74 18.44
C ASN A 52 -2.89 -28.99 17.01
N LEU A 53 -3.65 -29.77 16.24
CA LEU A 53 -3.27 -29.99 14.83
C LEU A 53 -3.24 -28.68 14.06
N ALA A 54 -4.23 -27.81 14.30
CA ALA A 54 -4.29 -26.53 13.59
C ALA A 54 -3.14 -25.61 13.99
N VAL A 55 -2.79 -25.60 15.28
CA VAL A 55 -1.72 -24.72 15.75
C VAL A 55 -0.36 -25.24 15.28
N GLN A 56 -0.15 -26.56 15.30
CA GLN A 56 1.10 -27.11 14.79
C GLN A 56 1.23 -26.85 13.29
N ASN A 57 0.16 -27.08 12.54
CA ASN A 57 0.18 -26.81 11.11
C ASN A 57 0.43 -25.32 10.84
N ALA A 58 -0.12 -24.44 11.68
CA ALA A 58 0.13 -23.01 11.53
C ALA A 58 1.56 -22.67 11.92
N LYS A 59 2.14 -23.37 12.90
CA LYS A 59 3.54 -23.13 13.25
C LYS A 59 4.46 -23.46 12.09
N ALA A 60 4.13 -24.52 11.33
CA ALA A 60 4.95 -24.88 10.18
C ALA A 60 4.82 -23.85 9.05
N ALA A 61 3.64 -23.25 8.90
CA ALA A 61 3.47 -22.23 7.86
C ALA A 61 4.13 -20.92 8.27
N PHE A 62 4.08 -20.59 9.56
CA PHE A 62 4.76 -19.39 10.04
C PHE A 62 6.25 -19.42 9.74
N LYS A 63 6.88 -20.58 9.88
CA LYS A 63 8.32 -20.68 9.62
C LYS A 63 8.66 -20.34 8.17
N ILE A 64 7.84 -20.77 7.22
CA ILE A 64 8.06 -20.43 5.83
C ILE A 64 7.68 -18.97 5.57
N TRP A 65 6.48 -18.58 6.00
CA TRP A 65 5.95 -17.26 5.68
C TRP A 65 6.81 -16.15 6.27
N SER A 66 7.25 -16.33 7.53
CA SER A 66 8.05 -15.29 8.17
C SER A 66 9.41 -15.11 7.49
N GLN A 67 9.99 -16.20 6.99
CA GLN A 67 11.26 -16.11 6.28
C GLN A 67 11.12 -15.47 4.91
N LYS A 68 9.90 -15.29 4.42
CA LYS A 68 9.66 -14.53 3.21
C LYS A 68 9.92 -13.04 3.48
N SER A 69 10.01 -12.28 2.40
CA SER A 69 10.28 -10.85 2.48
C SER A 69 8.98 -10.06 2.62
N GLY A 70 9.11 -8.83 3.09
CA GLY A 70 7.95 -7.95 3.19
C GLY A 70 7.35 -7.60 1.84
N MET A 71 8.18 -7.59 0.79
CA MET A 71 7.67 -7.33 -0.56
C MET A 71 6.87 -8.51 -1.06
N GLU A 72 7.33 -9.73 -0.80
CA GLU A 72 6.60 -10.92 -1.23
C GLU A 72 5.29 -11.08 -0.46
N ARG A 73 5.31 -10.80 0.85
CA ARG A 73 4.08 -10.87 1.64
C ARG A 73 3.06 -9.85 1.16
N CYS A 74 3.53 -8.65 0.78
CA CYS A 74 2.63 -7.64 0.23
C CYS A 74 2.00 -8.11 -1.07
N ARG A 75 2.82 -8.70 -1.95
CA ARG A 75 2.32 -9.17 -3.24
C ARG A 75 1.15 -10.13 -3.07
N ILE A 76 1.28 -11.08 -2.15
CA ILE A 76 0.25 -12.09 -1.96
C ILE A 76 -1.00 -11.49 -1.33
N LEU A 77 -0.84 -10.57 -0.37
CA LEU A 77 -2.00 -9.98 0.28
C LEU A 77 -2.78 -9.10 -0.70
N LEU A 78 -2.08 -8.40 -1.60
CA LEU A 78 -2.76 -7.65 -2.64
C LEU A 78 -3.52 -8.59 -3.58
N GLU A 79 -2.92 -9.73 -3.91
CA GLU A 79 -3.62 -10.73 -4.71
C GLU A 79 -4.87 -11.23 -4.01
N ALA A 80 -4.77 -11.48 -2.70
CA ALA A 80 -5.93 -11.91 -1.94
C ALA A 80 -7.05 -10.88 -1.98
N ALA A 81 -6.70 -9.60 -1.84
CA ALA A 81 -7.72 -8.56 -1.92
C ALA A 81 -8.36 -8.51 -3.30
N ARG A 82 -7.56 -8.71 -4.35
CA ARG A 82 -8.11 -8.76 -5.71
C ARG A 82 -9.13 -9.88 -5.84
N ILE A 83 -8.81 -11.06 -5.30
CA ILE A 83 -9.73 -12.19 -5.38
C ILE A 83 -11.00 -11.91 -4.59
N ILE A 84 -10.87 -11.28 -3.42
CA ILE A 84 -12.04 -10.89 -2.64
C ILE A 84 -12.88 -9.89 -3.42
N ARG A 85 -12.21 -8.96 -4.12
CA ARG A 85 -12.92 -7.96 -4.91
C ARG A 85 -13.61 -8.61 -6.12
N GLU A 86 -12.92 -9.53 -6.79
CA GLU A 86 -13.52 -10.20 -7.95
C GLU A 86 -14.71 -11.06 -7.55
N ARG A 87 -14.73 -11.55 -6.31
CA ARG A 87 -15.76 -12.46 -5.83
C ARG A 87 -16.64 -11.84 -4.74
N GLU A 88 -16.77 -10.51 -4.74
CA GLU A 88 -17.45 -9.83 -3.64
C GLU A 88 -18.91 -10.25 -3.54
N ASP A 89 -19.61 -10.36 -4.68
CA ASP A 89 -21.03 -10.70 -4.64
C ASP A 89 -21.24 -12.12 -4.15
N GLU A 90 -20.35 -13.04 -4.52
CA GLU A 90 -20.44 -14.40 -4.01
C GLU A 90 -20.20 -14.45 -2.51
N ILE A 91 -19.22 -13.69 -2.03
CA ILE A 91 -18.92 -13.68 -0.60
C ILE A 91 -20.04 -13.01 0.18
N ALA A 92 -20.55 -11.89 -0.31
CA ALA A 92 -21.63 -11.19 0.36
C ALA A 92 -22.89 -12.03 0.43
N THR A 93 -23.14 -12.82 -0.62
CA THR A 93 -24.29 -13.73 -0.60
C THR A 93 -24.16 -14.74 0.53
N MET A 94 -23.01 -15.42 0.61
CA MET A 94 -22.77 -16.34 1.71
C MET A 94 -22.85 -15.63 3.05
N GLU A 95 -22.31 -14.42 3.14
CA GLU A 95 -22.40 -13.64 4.36
C GLU A 95 -23.86 -13.40 4.75
N CYS A 96 -24.69 -13.04 3.77
CA CYS A 96 -26.10 -12.77 4.05
C CYS A 96 -26.84 -14.02 4.51
N ILE A 97 -26.68 -15.12 3.76
CA ILE A 97 -27.39 -16.36 4.07
C ILE A 97 -27.18 -16.77 5.52
N ASN A 98 -25.94 -16.68 6.00
CA ASN A 98 -25.63 -17.16 7.34
C ASN A 98 -25.89 -16.11 8.42
N ASN A 99 -25.69 -14.82 8.11
CA ASN A 99 -25.80 -13.76 9.10
C ASN A 99 -27.13 -13.04 9.05
N GLY A 100 -27.72 -12.86 7.86
CA GLY A 100 -29.02 -12.24 7.74
C GLY A 100 -29.00 -10.75 7.49
N LYS A 101 -27.85 -10.11 7.49
CA LYS A 101 -27.79 -8.70 7.14
C LYS A 101 -28.06 -8.53 5.64
N SER A 102 -28.49 -7.33 5.28
CA SER A 102 -28.81 -7.04 3.88
C SER A 102 -27.57 -7.19 3.00
N ILE A 103 -27.80 -7.57 1.75
CA ILE A 103 -26.72 -7.62 0.77
C ILE A 103 -26.12 -6.24 0.58
N PHE A 104 -26.90 -5.19 0.81
CA PHE A 104 -26.39 -3.83 0.78
C PHE A 104 -25.28 -3.64 1.81
N GLU A 105 -25.51 -4.09 3.04
CA GLU A 105 -24.52 -3.95 4.09
C GLU A 105 -23.37 -4.94 3.93
N ALA A 106 -23.68 -6.16 3.48
CA ALA A 106 -22.64 -7.17 3.30
C ALA A 106 -21.60 -6.71 2.29
N ARG A 107 -22.04 -6.12 1.18
CA ARG A 107 -21.10 -5.60 0.19
C ARG A 107 -20.15 -4.58 0.81
N LEU A 108 -20.68 -3.72 1.68
CA LEU A 108 -19.82 -2.75 2.38
C LEU A 108 -18.84 -3.46 3.32
N ASP A 109 -19.30 -4.53 3.99
CA ASP A 109 -18.41 -5.29 4.86
C ASP A 109 -17.20 -5.83 4.10
N ILE A 110 -17.44 -6.35 2.90
CA ILE A 110 -16.36 -6.94 2.12
C ILE A 110 -15.47 -5.87 1.50
N ASP A 111 -16.07 -4.75 1.06
CA ASP A 111 -15.26 -3.60 0.65
C ASP A 111 -14.26 -3.22 1.73
N ILE A 112 -14.75 -3.06 2.96
CA ILE A 112 -13.86 -2.76 4.09
C ILE A 112 -12.85 -3.88 4.29
N SER A 113 -13.24 -5.11 3.94
CA SER A 113 -12.35 -6.26 4.17
C SER A 113 -11.16 -6.24 3.24
N TRP A 114 -11.39 -6.09 1.93
CA TRP A 114 -10.25 -6.07 1.02
C TRP A 114 -9.50 -4.76 1.04
N GLN A 115 -10.16 -3.66 1.44
CA GLN A 115 -9.43 -2.42 1.66
C GLN A 115 -8.46 -2.55 2.82
N CYS A 116 -8.90 -3.21 3.90
CA CYS A 116 -8.00 -3.51 5.01
C CYS A 116 -6.86 -4.43 4.56
N LEU A 117 -7.18 -5.41 3.71
CA LEU A 117 -6.16 -6.33 3.21
C LEU A 117 -5.10 -5.58 2.39
N GLU A 118 -5.52 -4.67 1.51
CA GLU A 118 -4.57 -3.88 0.75
C GLU A 118 -3.77 -2.95 1.66
N TYR A 119 -4.41 -2.40 2.68
CA TYR A 119 -3.75 -1.49 3.61
C TYR A 119 -2.55 -2.15 4.28
N TYR A 120 -2.78 -3.27 4.96
CA TYR A 120 -1.69 -3.93 5.66
C TYR A 120 -0.70 -4.60 4.71
N ALA A 121 -1.15 -4.96 3.50
CA ALA A 121 -0.20 -5.34 2.46
C ALA A 121 0.78 -4.21 2.20
N GLY A 122 0.27 -2.98 2.06
CA GLY A 122 1.14 -1.83 1.86
C GLY A 122 2.12 -1.63 2.99
N LEU A 123 1.65 -1.77 4.24
CA LEU A 123 2.55 -1.59 5.37
C LEU A 123 3.58 -2.71 5.45
N ALA A 124 3.27 -3.90 4.93
CA ALA A 124 4.23 -4.99 4.96
C ALA A 124 5.38 -4.74 4.00
N ALA A 125 5.14 -4.03 2.90
CA ALA A 125 6.22 -3.71 1.96
C ALA A 125 7.11 -2.58 2.46
N SER A 126 6.54 -1.62 3.19
CA SER A 126 7.25 -0.44 3.64
C SER A 126 7.59 -0.49 5.13
N MET A 127 7.56 -1.68 5.74
CA MET A 127 7.85 -1.81 7.15
C MET A 127 9.33 -1.58 7.42
N ALA A 128 9.63 -0.84 8.49
CA ALA A 128 11.02 -0.49 8.78
C ALA A 128 11.20 -0.21 10.26
N GLY A 129 12.38 -0.57 10.76
CA GLY A 129 12.78 -0.28 12.12
C GLY A 129 13.49 1.06 12.24
N GLU A 130 14.36 1.16 13.25
CA GLU A 130 15.08 2.38 13.55
C GLU A 130 16.59 2.14 13.50
N HIS A 131 17.33 3.17 13.12
CA HIS A 131 18.78 3.17 13.17
C HIS A 131 19.23 4.40 13.97
N ILE A 132 19.89 4.16 15.11
CA ILE A 132 20.35 5.22 15.99
C ILE A 132 21.87 5.20 16.02
N GLN A 133 22.48 6.38 16.04
CA GLN A 133 23.94 6.49 15.98
C GLN A 133 24.57 6.46 17.37
N GLY A 136 30.19 6.74 19.50
CA GLY A 136 31.48 6.95 18.88
C GLY A 136 31.69 6.09 17.65
N GLY A 137 30.86 6.31 16.63
CA GLY A 137 30.86 5.46 15.46
C GLY A 137 30.12 4.15 15.61
N SER A 138 29.55 3.88 16.77
CA SER A 138 28.76 2.68 16.97
C SER A 138 27.28 3.00 16.80
N PHE A 139 26.51 1.96 16.47
CA PHE A 139 25.10 2.13 16.15
C PHE A 139 24.30 0.94 16.65
N GLY A 140 22.99 1.16 16.78
CA GLY A 140 22.07 0.07 17.03
C GLY A 140 20.89 0.19 16.08
N TYR A 141 20.28 -0.96 15.79
CA TYR A 141 19.12 -1.00 14.93
C TYR A 141 18.05 -1.89 15.53
N THR A 142 16.81 -1.61 15.14
CA THR A 142 15.66 -2.41 15.54
C THR A 142 15.00 -2.99 14.31
N ARG A 143 14.39 -4.16 14.50
CA ARG A 143 13.66 -4.83 13.43
C ARG A 143 12.39 -5.42 14.02
N ARG A 144 11.27 -5.21 13.36
CA ARG A 144 10.01 -5.82 13.78
C ARG A 144 9.97 -7.26 13.29
N GLU A 145 9.62 -8.18 14.20
CA GLU A 145 9.53 -9.59 13.88
C GLU A 145 8.16 -10.12 14.26
N PRO A 146 7.60 -11.02 13.47
CA PRO A 146 6.32 -11.63 13.84
C PRO A 146 6.43 -12.42 15.13
N LEU A 147 5.28 -12.59 15.79
CA LEU A 147 5.25 -13.30 17.06
C LEU A 147 5.22 -14.81 16.87
N GLY A 148 4.62 -15.28 15.77
CA GLY A 148 4.46 -16.70 15.55
C GLY A 148 3.04 -17.07 15.17
N VAL A 149 2.42 -17.96 15.94
CA VAL A 149 1.04 -18.37 15.69
C VAL A 149 0.12 -17.51 16.54
N CYS A 150 -0.71 -16.70 15.88
CA CYS A 150 -1.71 -15.88 16.54
C CYS A 150 -3.09 -16.50 16.38
N VAL A 151 -3.99 -16.13 17.28
CA VAL A 151 -5.37 -16.60 17.27
C VAL A 151 -6.29 -15.40 17.18
N GLY A 152 -7.26 -15.47 16.26
CA GLY A 152 -8.31 -14.47 16.15
C GLY A 152 -9.65 -15.10 16.52
N ILE A 153 -10.35 -14.45 17.44
CA ILE A 153 -11.66 -14.90 17.88
C ILE A 153 -12.71 -13.99 17.27
N GLY A 154 -13.57 -14.56 16.44
CA GLY A 154 -14.54 -13.78 15.70
C GLY A 154 -15.86 -13.62 16.41
N ALA A 155 -16.62 -12.64 15.93
CA ALA A 155 -17.98 -12.38 16.37
C ALA A 155 -18.95 -12.65 15.22
N TRP A 156 -20.24 -12.69 15.55
CA TRP A 156 -21.24 -13.08 14.56
C TRP A 156 -21.85 -11.91 13.81
N ASN A 157 -21.67 -10.67 14.29
CA ASN A 157 -22.30 -9.54 13.59
C ASN A 157 -21.54 -9.13 12.34
N TYR A 158 -20.21 -9.29 12.32
CA TYR A 158 -19.38 -9.02 11.14
C TYR A 158 -18.45 -10.20 10.92
N PRO A 159 -18.99 -11.35 10.47
CA PRO A 159 -18.17 -12.57 10.35
C PRO A 159 -16.97 -12.42 9.43
N PHE A 160 -17.23 -12.08 8.16
CA PHE A 160 -16.13 -12.01 7.19
C PHE A 160 -15.23 -10.81 7.44
N GLN A 161 -15.78 -9.69 7.90
CA GLN A 161 -14.98 -8.49 8.11
C GLN A 161 -13.99 -8.67 9.26
N ILE A 162 -14.45 -9.23 10.38
CA ILE A 162 -13.57 -9.43 11.53
C ILE A 162 -12.48 -10.45 11.19
N ALA A 163 -12.84 -11.52 10.50
CA ALA A 163 -11.84 -12.49 10.04
C ALA A 163 -10.79 -11.80 9.17
N SER A 164 -11.21 -10.83 8.36
CA SER A 164 -10.27 -10.10 7.53
C SER A 164 -9.42 -9.13 8.35
N TRP A 165 -10.05 -8.41 9.28
CA TRP A 165 -9.34 -7.39 10.04
C TRP A 165 -8.39 -7.98 11.07
N LYS A 166 -8.60 -9.23 11.48
CA LYS A 166 -7.67 -9.89 12.38
C LYS A 166 -6.53 -10.58 11.62
N SER A 167 -6.82 -11.13 10.44
CA SER A 167 -5.82 -11.90 9.71
C SER A 167 -4.91 -11.01 8.87
N ALA A 168 -5.46 -9.96 8.27
CA ALA A 168 -4.68 -9.07 7.42
C ALA A 168 -3.44 -8.52 8.14
N PRO A 169 -3.56 -7.85 9.30
CA PRO A 169 -2.34 -7.35 9.94
C PRO A 169 -1.45 -8.45 10.47
N ALA A 170 -2.03 -9.53 11.01
CA ALA A 170 -1.22 -10.63 11.53
C ALA A 170 -0.36 -11.24 10.43
N LEU A 171 -0.97 -11.56 9.29
CA LEU A 171 -0.21 -12.14 8.18
C LEU A 171 0.76 -11.15 7.57
N ALA A 172 0.42 -9.86 7.56
CA ALA A 172 1.30 -8.85 6.99
C ALA A 172 2.62 -8.77 7.76
N CYS A 173 2.58 -8.93 9.08
CA CYS A 173 3.79 -8.90 9.89
C CYS A 173 4.59 -10.19 9.80
N GLY A 174 4.06 -11.22 9.17
CA GLY A 174 4.73 -12.49 9.05
C GLY A 174 4.24 -13.57 9.99
N ASN A 175 3.13 -13.36 10.68
CA ASN A 175 2.56 -14.35 11.57
C ASN A 175 1.65 -15.31 10.80
N ALA A 176 1.42 -16.46 11.41
CA ALA A 176 0.29 -17.30 11.04
C ALA A 176 -0.88 -17.00 11.96
N MET A 177 -2.07 -17.43 11.54
CA MET A 177 -3.25 -17.22 12.35
C MET A 177 -4.15 -18.44 12.29
N VAL A 178 -4.57 -18.90 13.47
CA VAL A 178 -5.66 -19.86 13.60
C VAL A 178 -6.89 -19.07 14.02
N PHE A 179 -7.91 -19.04 13.16
CA PHE A 179 -9.09 -18.23 13.40
C PHE A 179 -10.23 -19.11 13.90
N LYS A 180 -10.93 -18.64 14.93
CA LYS A 180 -12.11 -19.33 15.44
C LYS A 180 -13.33 -18.47 15.20
N PRO A 181 -14.15 -18.77 14.20
CA PRO A 181 -15.37 -17.99 14.00
C PRO A 181 -16.34 -18.20 15.14
N SER A 182 -17.32 -17.30 15.21
CA SER A 182 -18.43 -17.52 16.12
C SER A 182 -19.20 -18.75 15.65
N PRO A 183 -19.61 -19.63 16.58
CA PRO A 183 -20.40 -20.80 16.17
C PRO A 183 -21.68 -20.44 15.44
N PHE A 184 -22.17 -19.20 15.59
CA PHE A 184 -23.35 -18.78 14.85
C PHE A 184 -23.06 -18.64 13.36
N THR A 185 -21.88 -18.13 13.00
CA THR A 185 -21.54 -17.78 11.62
C THR A 185 -20.22 -18.43 11.22
N PRO A 186 -20.24 -19.74 10.96
CA PRO A 186 -18.99 -20.43 10.59
C PRO A 186 -18.68 -20.47 9.10
N VAL A 187 -19.62 -20.13 8.23
CA VAL A 187 -19.48 -20.44 6.81
C VAL A 187 -18.49 -19.50 6.12
N SER A 188 -18.70 -18.18 6.26
CA SER A 188 -17.98 -17.23 5.43
C SER A 188 -16.48 -17.23 5.69
N ALA A 189 -16.05 -17.58 6.90
CA ALA A 189 -14.62 -17.54 7.21
C ALA A 189 -13.81 -18.49 6.34
N LEU A 190 -14.43 -19.51 5.77
CA LEU A 190 -13.68 -20.45 4.94
C LEU A 190 -13.47 -19.94 3.53
N LEU A 191 -14.35 -19.05 3.06
CA LEU A 191 -14.09 -18.37 1.79
C LEU A 191 -12.82 -17.56 1.87
N LEU A 192 -12.58 -16.89 3.00
CA LEU A 192 -11.34 -16.15 3.19
C LEU A 192 -10.14 -17.09 3.24
N ALA A 193 -10.26 -18.19 3.97
CA ALA A 193 -9.18 -19.17 4.02
C ALA A 193 -8.89 -19.75 2.64
N GLU A 194 -9.94 -20.02 1.86
CA GLU A 194 -9.74 -20.49 0.49
C GLU A 194 -9.13 -19.41 -0.39
N ILE A 195 -9.48 -18.14 -0.16
CA ILE A 195 -8.96 -17.06 -0.97
C ILE A 195 -7.49 -16.79 -0.63
N TYR A 196 -7.15 -16.85 0.66
CA TYR A 196 -5.75 -16.71 1.05
C TYR A 196 -4.88 -17.76 0.37
N SER A 197 -5.35 -19.01 0.36
CA SER A 197 -4.58 -20.09 -0.26
C SER A 197 -4.47 -19.90 -1.76
N GLU A 198 -5.51 -19.36 -2.39
CA GLU A 198 -5.48 -19.13 -3.83
C GLU A 198 -4.53 -18.00 -4.19
N ALA A 199 -4.32 -17.05 -3.27
CA ALA A 199 -3.39 -15.95 -3.49
C ALA A 199 -1.94 -16.37 -3.29
N GLY A 200 -1.68 -17.49 -2.63
CA GLY A 200 -0.33 -18.02 -2.54
C GLY A 200 0.25 -18.13 -1.15
N VAL A 201 -0.58 -18.09 -0.11
CA VAL A 201 -0.08 -18.29 1.25
C VAL A 201 0.32 -19.75 1.42
N PRO A 202 1.26 -20.06 2.32
CA PRO A 202 1.62 -21.46 2.53
C PRO A 202 0.47 -22.21 3.18
N PRO A 203 0.36 -23.51 2.96
CA PRO A 203 -0.68 -24.29 3.64
C PRO A 203 -0.54 -24.16 5.15
N GLY A 204 -1.63 -23.77 5.80
CA GLY A 204 -1.64 -23.62 7.25
C GLY A 204 -1.47 -22.21 7.77
N LEU A 205 -1.23 -21.23 6.89
CA LEU A 205 -1.01 -19.86 7.37
C LEU A 205 -2.26 -19.28 7.99
N PHE A 206 -3.42 -19.53 7.38
CA PHE A 206 -4.70 -19.12 7.94
C PHE A 206 -5.57 -20.37 8.08
N ASN A 207 -5.63 -20.92 9.28
CA ASN A 207 -6.45 -22.08 9.57
C ASN A 207 -7.72 -21.65 10.29
N VAL A 208 -8.77 -22.45 10.11
CA VAL A 208 -10.08 -22.18 10.70
C VAL A 208 -10.47 -23.36 11.56
N VAL A 209 -10.73 -23.11 12.84
CA VAL A 209 -11.28 -24.09 13.77
C VAL A 209 -12.61 -23.58 14.28
N GLN A 210 -13.65 -24.38 14.10
CA GLN A 210 -14.98 -24.04 14.60
C GLN A 210 -15.12 -24.48 16.05
N GLY A 211 -16.01 -23.81 16.76
CA GLY A 211 -16.29 -24.18 18.14
C GLY A 211 -16.78 -22.99 18.94
N GLY A 212 -17.12 -23.28 20.19
CA GLY A 212 -17.60 -22.26 21.11
C GLY A 212 -16.58 -21.91 22.16
N ALA A 213 -17.03 -21.85 23.42
CA ALA A 213 -16.14 -21.43 24.49
C ALA A 213 -15.02 -22.44 24.73
N ALA A 214 -15.36 -23.74 24.72
CA ALA A 214 -14.35 -24.77 24.98
C ALA A 214 -13.25 -24.74 23.92
N THR A 215 -13.64 -24.65 22.65
CA THR A 215 -12.66 -24.52 21.58
C THR A 215 -11.81 -23.26 21.77
N GLY A 216 -12.45 -22.14 22.11
CA GLY A 216 -11.70 -20.93 22.34
C GLY A 216 -10.77 -21.02 23.54
N GLN A 217 -11.18 -21.75 24.57
CA GLN A 217 -10.30 -21.95 25.73
C GLN A 217 -9.07 -22.76 25.34
N PHE A 218 -9.25 -23.83 24.55
CA PHE A 218 -8.12 -24.62 24.09
C PHE A 218 -7.12 -23.77 23.31
N LEU A 219 -7.62 -22.84 22.49
CA LEU A 219 -6.73 -21.98 21.71
C LEU A 219 -5.91 -21.07 22.63
N CYS A 220 -6.57 -20.46 23.62
CA CYS A 220 -5.87 -19.54 24.50
C CYS A 220 -4.85 -20.25 25.39
N GLN A 221 -5.11 -21.52 25.72
CA GLN A 221 -4.23 -22.29 26.59
C GLN A 221 -3.03 -22.90 25.86
N HIS A 222 -3.05 -22.91 24.53
CA HIS A 222 -2.03 -23.65 23.79
C HIS A 222 -0.67 -22.97 23.97
N PRO A 223 0.39 -23.73 24.28
CA PRO A 223 1.69 -23.10 24.52
C PRO A 223 2.33 -22.52 23.28
N ASP A 224 1.96 -23.00 22.09
CA ASP A 224 2.52 -22.51 20.85
C ASP A 224 1.75 -21.35 20.27
N VAL A 225 0.69 -20.89 20.94
CA VAL A 225 -0.04 -19.71 20.52
C VAL A 225 0.61 -18.48 21.14
N ALA A 226 0.95 -17.49 20.31
CA ALA A 226 1.67 -16.32 20.77
C ALA A 226 0.77 -15.24 21.35
N LYS A 227 -0.35 -14.96 20.69
CA LYS A 227 -1.28 -13.94 21.18
C LYS A 227 -2.68 -14.28 20.68
N VAL A 228 -3.68 -13.71 21.37
CA VAL A 228 -5.09 -13.94 21.06
C VAL A 228 -5.80 -12.60 20.92
N SER A 229 -6.48 -12.40 19.80
CA SER A 229 -7.22 -11.17 19.54
C SER A 229 -8.71 -11.41 19.71
N PHE A 230 -9.34 -10.67 20.62
CA PHE A 230 -10.73 -10.84 20.98
C PHE A 230 -11.58 -9.71 20.41
N THR A 231 -12.89 -9.95 20.41
CA THR A 231 -13.89 -8.94 20.05
C THR A 231 -15.27 -9.40 20.50
N LYS A 258 -24.67 2.91 27.81
CA LYS A 258 -24.60 2.65 26.37
C LYS A 258 -24.27 3.93 25.59
N SER A 259 -23.79 3.74 24.36
CA SER A 259 -23.36 4.86 23.53
C SER A 259 -24.49 5.87 23.35
N PRO A 260 -24.26 7.15 23.68
CA PRO A 260 -25.34 8.13 23.57
C PRO A 260 -25.28 8.96 22.30
N LEU A 261 -26.44 9.29 21.74
CA LEU A 261 -26.57 10.23 20.63
C LEU A 261 -27.32 11.45 21.14
N ILE A 262 -26.71 12.62 20.98
CA ILE A 262 -27.25 13.88 21.49
C ILE A 262 -27.60 14.78 20.31
N ILE A 263 -28.83 15.27 20.28
CA ILE A 263 -29.35 16.10 19.19
C ILE A 263 -29.86 17.40 19.80
N PHE A 264 -29.24 18.51 19.43
CA PHE A 264 -29.63 19.82 19.94
C PHE A 264 -30.64 20.49 19.03
N SER A 265 -31.25 21.57 19.53
CA SER A 265 -32.27 22.27 18.76
C SER A 265 -31.68 23.00 17.58
N ASP A 266 -30.42 23.42 17.67
CA ASP A 266 -29.75 24.13 16.58
C ASP A 266 -29.15 23.18 15.55
N CYS A 267 -29.53 21.92 15.56
CA CYS A 267 -28.97 20.95 14.63
C CYS A 267 -29.74 20.99 13.31
N ASP A 268 -29.18 20.30 12.32
CA ASP A 268 -29.88 20.05 11.06
C ASP A 268 -30.82 18.88 11.30
N MET A 269 -32.11 19.20 11.54
CA MET A 269 -33.11 18.19 11.85
C MET A 269 -33.05 17.01 10.90
N ASN A 270 -32.92 17.26 9.60
CA ASN A 270 -32.83 16.18 8.63
C ASN A 270 -31.62 15.30 8.90
N ASN A 271 -30.45 15.91 9.10
CA ASN A 271 -29.25 15.13 9.35
C ASN A 271 -29.29 14.40 10.69
N ALA A 272 -30.02 14.94 11.66
CA ALA A 272 -30.11 14.29 12.97
C ALA A 272 -31.03 13.07 12.92
N VAL A 273 -32.14 13.17 12.18
CA VAL A 273 -33.02 12.02 12.00
C VAL A 273 -32.31 10.93 11.21
N LYS A 274 -31.71 11.31 10.07
CA LYS A 274 -30.99 10.34 9.26
C LYS A 274 -29.86 9.68 10.06
N GLY A 275 -29.11 10.48 10.82
CA GLY A 275 -28.07 9.92 11.68
C GLY A 275 -28.62 9.01 12.75
N ALA A 276 -29.80 9.34 13.29
CA ALA A 276 -30.40 8.51 14.32
C ALA A 276 -30.76 7.13 13.78
N LEU A 277 -31.34 7.06 12.58
CA LEU A 277 -31.67 5.77 11.98
C LEU A 277 -30.40 4.99 11.66
N MET A 278 -29.36 5.67 11.20
CA MET A 278 -28.10 5.02 10.89
C MET A 278 -27.36 4.52 12.13
N ALA A 279 -27.75 4.99 13.31
CA ALA A 279 -27.10 4.59 14.56
C ALA A 279 -27.84 3.49 15.30
N ASN A 280 -29.02 3.09 14.84
CA ASN A 280 -29.84 2.14 15.56
C ASN A 280 -30.26 0.95 14.72
N PHE A 281 -30.38 1.15 13.41
CA PHE A 281 -31.04 0.17 12.55
C PHE A 281 -30.12 -0.38 11.46
N LEU A 282 -28.81 -0.21 11.60
CA LEU A 282 -27.85 -0.84 10.71
C LEU A 282 -27.47 -2.20 11.27
N THR A 283 -27.47 -3.23 10.40
CA THR A 283 -27.21 -4.60 10.81
C THR A 283 -28.20 -5.03 11.89
N GLN A 284 -29.47 -4.68 11.69
CA GLN A 284 -30.55 -5.03 12.62
C GLN A 284 -30.27 -4.54 14.03
N GLY A 285 -29.50 -3.47 14.16
CA GLY A 285 -29.13 -2.97 15.47
C GLY A 285 -28.18 -3.85 16.25
N GLN A 286 -27.62 -4.88 15.63
CA GLN A 286 -26.71 -5.81 16.31
C GLN A 286 -25.25 -5.37 16.13
N VAL A 287 -24.98 -4.14 16.57
CA VAL A 287 -23.66 -3.52 16.44
C VAL A 287 -23.22 -3.03 17.80
N CYS A 288 -21.91 -3.15 18.08
CA CYS A 288 -21.35 -2.61 19.30
C CYS A 288 -21.32 -1.09 19.23
N CYS A 289 -21.52 -0.45 20.39
CA CYS A 289 -21.51 1.01 20.50
C CYS A 289 -22.50 1.65 19.53
N ASN A 290 -23.69 1.09 19.45
CA ASN A 290 -24.78 1.71 18.70
C ASN A 290 -25.36 2.89 19.48
N GLY A 291 -25.80 3.90 18.74
CA GLY A 291 -26.41 5.05 19.37
C GLY A 291 -27.84 4.80 19.77
N THR A 292 -28.06 3.89 20.72
CA THR A 292 -29.40 3.52 21.13
C THR A 292 -29.97 4.44 22.21
N ARG A 293 -29.12 5.19 22.89
CA ARG A 293 -29.54 6.20 23.86
C ARG A 293 -29.53 7.55 23.15
N VAL A 294 -30.69 7.99 22.67
CA VAL A 294 -30.81 9.19 21.84
C VAL A 294 -31.40 10.30 22.70
N PHE A 295 -30.66 11.39 22.85
CA PHE A 295 -31.10 12.56 23.60
C PHE A 295 -31.55 13.65 22.65
N VAL A 296 -32.77 14.14 22.85
CA VAL A 296 -33.38 15.17 22.00
C VAL A 296 -33.86 16.30 22.90
N GLN A 297 -33.52 17.53 22.53
CA GLN A 297 -33.95 18.69 23.29
C GLN A 297 -35.47 18.85 23.21
N LYS A 298 -36.05 19.38 24.28
CA LYS A 298 -37.50 19.56 24.33
C LYS A 298 -38.00 20.49 23.24
N GLU A 299 -37.17 21.46 22.83
CA GLU A 299 -37.59 22.42 21.82
C GLU A 299 -37.91 21.74 20.49
N ILE A 300 -37.11 20.73 20.12
CA ILE A 300 -37.33 20.03 18.86
C ILE A 300 -37.50 18.54 19.10
N LEU A 301 -38.44 18.18 19.97
CA LEU A 301 -38.71 16.79 20.30
C LEU A 301 -39.83 16.22 19.44
N ASP A 302 -40.97 16.90 19.36
CA ASP A 302 -42.08 16.43 18.55
C ASP A 302 -41.69 16.35 17.08
N LYS A 303 -41.03 17.40 16.57
CA LYS A 303 -40.59 17.40 15.18
C LYS A 303 -39.64 16.24 14.89
N PHE A 304 -38.68 16.00 15.81
CA PHE A 304 -37.75 14.89 15.64
C PHE A 304 -38.48 13.55 15.66
N THR A 305 -39.30 13.33 16.69
CA THR A 305 -40.00 12.05 16.83
C THR A 305 -40.87 11.76 15.62
N GLU A 306 -41.73 12.71 15.22
CA GLU A 306 -42.61 12.50 14.08
C GLU A 306 -41.83 12.12 12.82
N GLU A 307 -40.69 12.78 12.58
CA GLU A 307 -39.91 12.47 11.40
C GLU A 307 -39.16 11.15 11.53
N VAL A 308 -38.80 10.76 12.77
CA VAL A 308 -38.08 9.51 12.97
C VAL A 308 -39.01 8.32 12.78
N VAL A 309 -40.21 8.37 13.37
CA VAL A 309 -41.13 7.25 13.28
C VAL A 309 -41.60 7.04 11.85
N LYS A 310 -41.83 8.14 11.11
CA LYS A 310 -42.26 8.02 9.73
C LYS A 310 -41.20 7.33 8.88
N GLN A 311 -39.94 7.74 9.02
CA GLN A 311 -38.87 7.15 8.24
C GLN A 311 -38.51 5.75 8.73
N THR A 312 -38.75 5.47 10.02
CA THR A 312 -38.47 4.14 10.55
C THR A 312 -39.48 3.12 10.01
N GLN A 313 -40.75 3.52 9.93
CA GLN A 313 -41.79 2.64 9.42
C GLN A 313 -41.68 2.43 7.91
N ARG A 314 -40.81 3.17 7.23
CA ARG A 314 -40.60 3.00 5.79
C ARG A 314 -39.43 2.08 5.47
N ILE A 315 -38.74 1.56 6.48
CA ILE A 315 -37.63 0.65 6.25
C ILE A 315 -38.17 -0.72 5.83
N LYS A 316 -37.75 -1.19 4.65
CA LYS A 316 -38.25 -2.44 4.11
C LYS A 316 -37.56 -3.62 4.76
N ILE A 317 -38.34 -4.49 5.40
CA ILE A 317 -37.84 -5.70 6.02
C ILE A 317 -38.17 -6.88 5.11
N GLY A 318 -37.20 -7.78 4.93
CA GLY A 318 -37.44 -8.92 4.06
C GLY A 318 -36.17 -9.71 3.77
N ASP A 319 -36.17 -10.36 2.62
CA ASP A 319 -35.06 -11.20 2.19
C ASP A 319 -33.77 -10.39 2.12
N PRO A 320 -32.74 -10.77 2.88
CA PRO A 320 -31.47 -10.02 2.82
C PRO A 320 -30.85 -9.94 1.43
N LEU A 321 -31.07 -10.93 0.58
CA LEU A 321 -30.46 -10.95 -0.74
C LEU A 321 -31.17 -10.03 -1.74
N LEU A 322 -32.22 -9.34 -1.32
CA LEU A 322 -32.86 -8.35 -2.19
C LEU A 322 -32.12 -7.02 -2.11
N GLU A 323 -31.96 -6.37 -3.27
CA GLU A 323 -31.17 -5.15 -3.33
C GLU A 323 -31.82 -3.98 -2.61
N ASP A 324 -33.14 -4.00 -2.41
CA ASP A 324 -33.84 -2.92 -1.73
C ASP A 324 -34.08 -3.22 -0.26
N THR A 325 -33.76 -4.41 0.22
CA THR A 325 -33.89 -4.73 1.64
C THR A 325 -32.84 -3.99 2.46
N ARG A 326 -33.29 -3.31 3.51
CA ARG A 326 -32.40 -2.64 4.44
C ARG A 326 -32.39 -3.27 5.83
N MET A 327 -33.24 -4.25 6.08
CA MET A 327 -33.19 -4.94 7.37
C MET A 327 -33.63 -6.39 7.18
N GLY A 328 -32.73 -7.31 7.47
CA GLY A 328 -33.04 -8.71 7.43
C GLY A 328 -33.46 -9.22 8.79
N PRO A 329 -33.34 -10.52 8.99
CA PRO A 329 -33.67 -11.12 10.29
C PRO A 329 -32.56 -10.94 11.31
N LEU A 330 -32.91 -11.16 12.58
CA LEU A 330 -31.91 -11.21 13.62
C LEU A 330 -31.13 -12.52 13.54
N ILE A 331 -30.04 -12.60 14.32
CA ILE A 331 -29.03 -13.62 14.06
C ILE A 331 -29.56 -15.02 14.33
N ASN A 332 -30.33 -15.21 15.41
CA ASN A 332 -30.94 -16.49 15.67
C ASN A 332 -32.16 -16.29 16.56
N ARG A 333 -32.94 -17.35 16.71
CA ARG A 333 -34.17 -17.28 17.50
C ARG A 333 -33.92 -16.90 18.95
N PRO A 334 -32.97 -17.50 19.69
CA PRO A 334 -32.77 -17.08 21.08
C PRO A 334 -32.42 -15.61 21.23
N HIS A 335 -31.73 -15.02 20.25
CA HIS A 335 -31.42 -13.60 20.33
C HIS A 335 -32.64 -12.74 20.03
N LEU A 336 -33.47 -13.17 19.07
CA LEU A 336 -34.72 -12.46 18.79
C LEU A 336 -35.61 -12.43 20.02
N GLU A 337 -35.72 -13.57 20.73
CA GLU A 337 -36.53 -13.62 21.93
C GLU A 337 -35.99 -12.68 23.00
N ARG A 338 -34.67 -12.61 23.14
CA ARG A 338 -34.07 -11.73 24.14
C ARG A 338 -34.29 -10.27 23.82
N VAL A 339 -34.33 -9.92 22.53
CA VAL A 339 -34.62 -8.54 22.14
C VAL A 339 -36.08 -8.20 22.43
N LEU A 340 -37.00 -9.09 22.05
CA LEU A 340 -38.41 -8.87 22.32
C LEU A 340 -38.67 -8.73 23.82
N GLY A 341 -37.95 -9.48 24.65
CA GLY A 341 -38.10 -9.34 26.09
C GLY A 341 -37.70 -7.98 26.59
N PHE A 342 -36.73 -7.34 25.93
CA PHE A 342 -36.35 -5.98 26.29
C PHE A 342 -37.46 -4.99 25.99
N VAL A 343 -38.14 -5.16 24.84
CA VAL A 343 -39.24 -4.27 24.48
C VAL A 343 -40.40 -4.44 25.45
N LYS A 344 -40.75 -5.69 25.74
CA LYS A 344 -41.84 -5.97 26.68
C LYS A 344 -41.56 -5.37 28.05
N VAL A 345 -40.34 -5.54 28.56
CA VAL A 345 -39.99 -4.99 29.86
C VAL A 345 -40.10 -3.47 29.85
N ALA A 346 -39.62 -2.83 28.79
CA ALA A 346 -39.73 -1.38 28.68
C ALA A 346 -41.19 -0.94 28.70
N LYS A 347 -42.06 -1.68 28.01
CA LYS A 347 -43.49 -1.34 28.00
C LYS A 347 -44.07 -1.38 29.40
N GLU A 348 -43.75 -2.42 30.17
CA GLU A 348 -44.25 -2.54 31.53
C GLU A 348 -43.54 -1.59 32.50
N GLN A 349 -42.47 -0.94 32.07
CA GLN A 349 -41.78 0.06 32.89
C GLN A 349 -42.23 1.48 32.56
N GLY A 350 -43.17 1.66 31.65
CA GLY A 350 -43.74 2.95 31.34
C GLY A 350 -43.40 3.49 29.98
N ALA A 351 -42.53 2.83 29.22
CA ALA A 351 -42.17 3.31 27.90
C ALA A 351 -43.32 3.13 26.93
N LYS A 352 -43.35 3.97 25.90
CA LYS A 352 -44.38 3.94 24.88
C LYS A 352 -43.79 3.43 23.57
N VAL A 353 -44.47 2.45 22.97
CA VAL A 353 -44.05 1.89 21.69
C VAL A 353 -44.75 2.67 20.59
N LEU A 354 -43.97 3.29 19.71
CA LEU A 354 -44.50 4.05 18.59
C LEU A 354 -44.53 3.26 17.30
N CYS A 355 -43.64 2.27 17.18
CA CYS A 355 -43.65 1.34 16.05
C CYS A 355 -42.74 0.17 16.42
N GLY A 356 -42.95 -0.94 15.73
CA GLY A 356 -42.11 -2.11 15.89
C GLY A 356 -42.13 -2.72 17.28
N GLY A 357 -41.05 -3.44 17.57
CA GLY A 357 -40.94 -4.16 18.83
C GLY A 357 -41.68 -5.48 18.88
N ASP A 358 -42.05 -6.04 17.73
CA ASP A 358 -42.82 -7.28 17.70
C ASP A 358 -42.43 -8.08 16.46
N ILE A 359 -42.92 -9.32 16.41
CA ILE A 359 -42.65 -10.19 15.27
C ILE A 359 -43.16 -9.55 13.99
N TYR A 360 -42.40 -9.72 12.91
CA TYR A 360 -42.80 -9.26 11.59
C TYR A 360 -42.93 -10.46 10.66
N VAL A 361 -44.11 -10.66 10.10
CA VAL A 361 -44.34 -11.76 9.16
C VAL A 361 -44.33 -11.19 7.75
N PRO A 362 -43.26 -11.40 6.97
CA PRO A 362 -43.21 -10.83 5.62
C PRO A 362 -44.15 -11.54 4.67
N GLU A 363 -44.45 -10.85 3.56
CA GLU A 363 -45.32 -11.42 2.54
C GLU A 363 -44.74 -12.70 1.96
N ASP A 364 -43.44 -12.72 1.71
CA ASP A 364 -42.75 -13.88 1.14
C ASP A 364 -42.95 -15.10 2.03
N PRO A 365 -43.50 -16.21 1.50
CA PRO A 365 -43.74 -17.38 2.37
C PRO A 365 -42.50 -18.19 2.68
N LYS A 366 -41.44 -18.10 1.86
CA LYS A 366 -40.22 -18.84 2.15
C LYS A 366 -39.48 -18.26 3.35
N LEU A 367 -39.79 -17.02 3.72
CA LEU A 367 -39.19 -16.38 4.88
C LEU A 367 -40.04 -16.51 6.13
N LYS A 368 -41.15 -17.27 6.05
CA LYS A 368 -42.13 -17.30 7.13
C LYS A 368 -41.54 -17.83 8.43
N ASP A 369 -40.48 -18.64 8.37
CA ASP A 369 -39.85 -19.17 9.56
C ASP A 369 -38.58 -18.42 9.93
N GLY A 370 -38.34 -17.26 9.31
CA GLY A 370 -37.20 -16.44 9.67
C GLY A 370 -37.42 -15.66 10.95
N TYR A 371 -36.32 -15.14 11.50
CA TYR A 371 -36.35 -14.44 12.78
C TYR A 371 -36.44 -12.94 12.54
N TYR A 372 -37.61 -12.51 12.08
CA TYR A 372 -37.84 -11.11 11.73
C TYR A 372 -38.56 -10.38 12.85
N MET A 373 -38.35 -9.06 12.90
CA MET A 373 -39.03 -8.17 13.83
C MET A 373 -38.94 -6.76 13.28
N ARG A 374 -39.96 -5.96 13.58
CA ARG A 374 -39.98 -4.57 13.14
C ARG A 374 -39.05 -3.73 14.02
N PRO A 375 -38.34 -2.76 13.44
CA PRO A 375 -37.51 -1.88 14.26
C PRO A 375 -38.37 -1.06 15.21
N CYS A 376 -37.89 -0.89 16.43
CA CYS A 376 -38.68 -0.34 17.52
C CYS A 376 -38.17 1.03 17.92
N VAL A 377 -39.12 1.94 18.19
CA VAL A 377 -38.83 3.27 18.72
C VAL A 377 -39.60 3.43 20.02
N LEU A 378 -38.93 3.93 21.04
CA LEU A 378 -39.51 4.06 22.37
C LEU A 378 -39.44 5.51 22.83
N THR A 379 -40.58 6.06 23.23
CA THR A 379 -40.69 7.39 23.81
C THR A 379 -41.12 7.28 25.26
N ASN A 380 -41.17 8.44 25.94
CA ASN A 380 -41.47 8.50 27.37
C ASN A 380 -40.49 7.65 28.17
N CYS A 381 -39.22 7.71 27.79
CA CYS A 381 -38.18 6.92 28.45
C CYS A 381 -37.61 7.70 29.63
N ARG A 382 -36.99 6.95 30.54
CA ARG A 382 -36.38 7.53 31.73
C ARG A 382 -35.01 6.90 31.95
N ASP A 383 -34.19 7.58 32.75
CA ASP A 383 -32.85 7.08 33.02
C ASP A 383 -32.86 5.81 33.87
N ASP A 384 -33.91 5.59 34.66
CA ASP A 384 -33.98 4.39 35.49
C ASP A 384 -34.47 3.16 34.72
N MET A 385 -34.94 3.34 33.49
CA MET A 385 -35.41 2.20 32.71
C MET A 385 -34.25 1.29 32.32
N THR A 386 -34.55 -0.02 32.28
CA THR A 386 -33.53 -1.00 31.92
C THR A 386 -33.20 -0.98 30.44
N CYS A 387 -34.13 -0.52 29.59
CA CYS A 387 -33.89 -0.41 28.15
C CYS A 387 -33.07 0.81 27.79
N VAL A 388 -32.43 1.44 28.77
CA VAL A 388 -31.64 2.64 28.53
C VAL A 388 -30.22 2.40 29.04
N LYS A 389 -30.08 1.58 30.06
CA LYS A 389 -28.78 1.27 30.64
C LYS A 389 -28.27 -0.12 30.29
N GLU A 390 -28.97 -0.89 29.46
CA GLU A 390 -28.53 -2.21 29.06
C GLU A 390 -28.46 -2.30 27.54
N GLU A 391 -27.39 -2.92 27.05
CA GLU A 391 -27.19 -3.10 25.61
C GLU A 391 -28.17 -4.12 25.09
N ILE A 392 -29.14 -3.67 24.29
CA ILE A 392 -30.15 -4.59 23.78
C ILE A 392 -29.62 -5.42 22.62
N PHE A 393 -28.68 -4.86 21.84
CA PHE A 393 -28.12 -5.53 20.65
C PHE A 393 -29.22 -5.91 19.68
N GLY A 394 -30.20 -5.03 19.54
CA GLY A 394 -31.31 -5.22 18.63
C GLY A 394 -31.79 -3.89 18.09
N PRO A 395 -32.76 -3.91 17.17
CA PRO A 395 -33.22 -2.65 16.55
C PRO A 395 -34.22 -1.92 17.44
N VAL A 396 -33.71 -1.31 18.51
CA VAL A 396 -34.53 -0.65 19.51
C VAL A 396 -33.89 0.70 19.83
N MET A 397 -34.64 1.78 19.60
CA MET A 397 -34.17 3.13 19.87
C MET A 397 -34.84 3.67 21.12
N SER A 398 -34.05 4.30 21.99
CA SER A 398 -34.55 4.88 23.23
C SER A 398 -34.35 6.40 23.15
N ILE A 399 -35.45 7.13 23.14
CA ILE A 399 -35.42 8.59 23.04
C ILE A 399 -35.68 9.17 24.43
N LEU A 400 -34.76 10.00 24.90
CA LEU A 400 -34.88 10.66 26.19
C LEU A 400 -34.84 12.17 25.96
N SER A 401 -35.80 12.88 26.55
CA SER A 401 -35.88 14.32 26.39
C SER A 401 -35.08 15.02 27.49
N PHE A 402 -34.51 16.17 27.12
CA PHE A 402 -33.72 16.98 28.04
C PHE A 402 -33.95 18.45 27.72
N ASP A 403 -33.74 19.30 28.74
CA ASP A 403 -34.00 20.73 28.61
C ASP A 403 -32.81 21.49 28.03
N THR A 404 -31.65 21.41 28.68
CA THR A 404 -30.50 22.21 28.33
C THR A 404 -29.25 21.35 28.25
N GLU A 405 -28.16 21.96 27.76
CA GLU A 405 -26.89 21.26 27.66
C GLU A 405 -26.42 20.74 29.01
N ALA A 406 -26.63 21.52 30.07
CA ALA A 406 -26.18 21.11 31.40
C ALA A 406 -26.78 19.77 31.80
N GLU A 407 -28.10 19.64 31.67
CA GLU A 407 -28.79 18.40 32.05
C GLU A 407 -28.27 17.22 31.23
N VAL A 408 -28.23 17.37 29.91
CA VAL A 408 -27.86 16.25 29.04
C VAL A 408 -26.39 15.87 29.16
N LEU A 409 -25.53 16.80 29.59
CA LEU A 409 -24.12 16.46 29.75
C LEU A 409 -23.91 15.48 30.89
N GLU A 410 -24.64 15.64 31.99
CA GLU A 410 -24.48 14.82 33.18
C GLU A 410 -25.31 13.54 33.14
N ARG A 411 -26.18 13.37 32.15
CA ARG A 411 -26.97 12.15 32.03
C ARG A 411 -26.32 11.11 31.14
N ALA A 412 -25.47 11.51 30.20
CA ALA A 412 -24.87 10.59 29.23
C ALA A 412 -23.38 10.41 29.43
N ASN A 413 -22.81 10.95 30.50
CA ASN A 413 -21.37 10.84 30.74
C ASN A 413 -21.02 9.62 31.58
N ASP A 414 -21.99 8.74 31.87
CA ASP A 414 -21.70 7.46 32.50
C ASP A 414 -21.22 6.41 31.51
N THR A 415 -20.95 6.81 30.27
CA THR A 415 -20.43 5.91 29.24
C THR A 415 -18.92 5.82 29.36
N THR A 416 -18.40 4.60 29.22
CA THR A 416 -16.97 4.37 29.31
C THR A 416 -16.29 4.68 27.97
N PHE A 417 -14.96 4.82 28.02
CA PHE A 417 -14.18 5.17 26.83
C PHE A 417 -14.43 4.20 25.69
N GLY A 418 -14.63 2.92 26.01
CA GLY A 418 -14.86 1.93 24.96
C GLY A 418 -16.11 2.17 24.15
N LEU A 419 -17.04 2.96 24.68
CA LEU A 419 -18.28 3.27 23.98
C LEU A 419 -18.08 4.44 23.04
N ALA A 420 -18.99 4.56 22.08
CA ALA A 420 -19.00 5.65 21.13
C ALA A 420 -19.98 6.74 21.60
N ALA A 421 -20.00 7.84 20.86
CA ALA A 421 -20.92 8.93 21.16
C ALA A 421 -21.08 9.78 19.91
N GLY A 422 -22.18 10.54 19.87
CA GLY A 422 -22.46 11.40 18.74
C GLY A 422 -23.24 12.65 19.13
N VAL A 423 -22.90 13.79 18.53
CA VAL A 423 -23.58 15.05 18.81
C VAL A 423 -24.00 15.68 17.49
N PHE A 424 -25.14 16.36 17.50
CA PHE A 424 -25.68 17.03 16.33
C PHE A 424 -25.99 18.49 16.69
N THR A 425 -25.22 19.41 16.11
CA THR A 425 -25.39 20.84 16.39
C THR A 425 -24.64 21.63 15.32
N ARG A 426 -25.18 22.80 14.99
CA ARG A 426 -24.53 23.70 14.02
C ARG A 426 -23.72 24.76 14.76
N ASP A 427 -22.72 24.33 15.52
CA ASP A 427 -21.95 25.26 16.33
C ASP A 427 -20.58 24.66 16.58
N ILE A 428 -19.53 25.30 16.05
CA ILE A 428 -18.17 24.81 16.24
C ILE A 428 -17.73 24.89 17.70
N GLN A 429 -18.39 25.75 18.50
CA GLN A 429 -18.07 25.82 19.91
C GLN A 429 -18.81 24.76 20.71
N ARG A 430 -20.14 24.69 20.53
CA ARG A 430 -20.95 23.75 21.30
C ARG A 430 -20.61 22.30 20.97
N ALA A 431 -20.24 22.01 19.72
CA ALA A 431 -19.96 20.65 19.32
C ALA A 431 -18.73 20.09 20.04
N HIS A 432 -17.57 20.72 19.84
CA HIS A 432 -16.34 20.24 20.44
C HIS A 432 -16.40 20.30 21.97
N ARG A 433 -17.22 21.20 22.52
CA ARG A 433 -17.36 21.26 23.97
C ARG A 433 -17.98 19.98 24.52
N VAL A 434 -19.03 19.47 23.87
CA VAL A 434 -19.66 18.24 24.32
C VAL A 434 -18.79 17.04 23.99
N VAL A 435 -18.09 17.07 22.85
CA VAL A 435 -17.24 15.95 22.48
C VAL A 435 -16.04 15.86 23.42
N ALA A 436 -15.55 16.99 23.91
CA ALA A 436 -14.48 16.97 24.90
C ALA A 436 -14.99 16.46 26.24
N GLU A 437 -16.12 17.01 26.71
CA GLU A 437 -16.65 16.63 28.02
C GLU A 437 -16.98 15.15 28.09
N LEU A 438 -17.50 14.58 27.00
CA LEU A 438 -17.85 13.16 27.01
C LEU A 438 -16.58 12.31 27.09
N GLN A 439 -16.70 11.17 27.78
CA GLN A 439 -15.57 10.27 27.97
C GLN A 439 -15.46 9.21 26.88
N ALA A 440 -16.43 9.15 25.96
CA ALA A 440 -16.42 8.12 24.94
C ALA A 440 -15.19 8.25 24.05
N GLY A 441 -14.68 7.09 23.60
CA GLY A 441 -13.44 7.10 22.85
C GLY A 441 -13.60 7.42 21.38
N THR A 442 -14.74 7.10 20.79
CA THR A 442 -15.00 7.36 19.39
C THR A 442 -16.24 8.25 19.30
N CYS A 443 -16.03 9.53 18.98
CA CYS A 443 -17.09 10.52 18.98
C CYS A 443 -17.43 10.95 17.56
N PHE A 444 -18.65 11.44 17.39
CA PHE A 444 -19.17 11.88 16.11
C PHE A 444 -19.85 13.23 16.26
N ILE A 445 -19.61 14.11 15.28
CA ILE A 445 -20.28 15.41 15.20
C ILE A 445 -21.10 15.41 13.90
N ASN A 446 -22.40 15.62 14.04
CA ASN A 446 -23.31 15.73 12.90
C ASN A 446 -23.27 14.52 11.97
N ASN A 447 -23.05 13.34 12.55
CA ASN A 447 -23.10 12.06 11.83
C ASN A 447 -22.99 10.94 12.85
N TYR A 448 -22.91 9.71 12.35
CA TYR A 448 -22.64 8.56 13.20
C TYR A 448 -22.00 7.43 12.40
N PHE A 465 -8.03 5.49 7.20
CA PHE A 465 -7.26 4.60 8.06
C PHE A 465 -6.08 5.33 8.72
N GLY A 466 -5.34 6.08 7.93
CA GLY A 466 -4.17 6.78 8.45
C GLY A 466 -2.98 5.85 8.62
N ARG A 467 -2.03 6.31 9.43
CA ARG A 467 -0.83 5.54 9.74
C ARG A 467 -0.81 4.97 11.14
N GLU A 468 -1.42 5.67 12.11
CA GLU A 468 -1.35 5.24 13.52
C GLU A 468 -1.99 3.87 13.71
N ASN A 469 -3.25 3.72 13.28
CA ASN A 469 -3.96 2.46 13.47
C ASN A 469 -3.17 1.28 12.93
N GLY A 470 -2.61 1.43 11.72
CA GLY A 470 -1.77 0.38 11.17
C GLY A 470 -0.55 0.10 12.03
N ARG A 471 0.16 1.17 12.41
CA ARG A 471 1.34 1.02 13.25
C ARG A 471 1.00 0.35 14.58
N VAL A 472 -0.08 0.81 15.22
CA VAL A 472 -0.48 0.22 16.50
C VAL A 472 -0.90 -1.23 16.32
N THR A 473 -1.68 -1.52 15.28
CA THR A 473 -2.11 -2.89 15.05
C THR A 473 -0.94 -3.79 14.67
N ILE A 474 0.03 -3.27 13.94
CA ILE A 474 1.20 -4.07 13.61
C ILE A 474 2.03 -4.36 14.86
N GLU A 475 2.10 -3.38 15.78
CA GLU A 475 2.80 -3.61 17.03
C GLU A 475 2.16 -4.73 17.86
N TYR A 476 0.84 -4.89 17.76
CA TYR A 476 0.17 -5.95 18.50
C TYR A 476 0.58 -7.33 18.00
N TYR A 477 0.88 -7.45 16.71
CA TYR A 477 1.21 -8.73 16.08
C TYR A 477 2.70 -8.90 15.84
N SER A 478 3.55 -8.16 16.56
CA SER A 478 4.98 -8.23 16.31
C SER A 478 5.73 -7.86 17.59
N GLN A 479 7.05 -8.04 17.53
CA GLN A 479 7.95 -7.67 18.62
C GLN A 479 9.17 -6.98 18.03
N LEU A 480 9.79 -6.11 18.84
CA LEU A 480 10.92 -5.30 18.41
C LEU A 480 12.21 -5.97 18.88
N LYS A 481 13.03 -6.42 17.92
CA LYS A 481 14.34 -6.98 18.22
C LYS A 481 15.41 -5.92 18.03
N THR A 482 16.21 -5.69 19.07
CA THR A 482 17.29 -4.73 19.00
C THR A 482 18.63 -5.44 18.82
N VAL A 483 19.56 -4.77 18.15
CA VAL A 483 20.92 -5.25 17.96
C VAL A 483 21.86 -4.08 18.18
N CYS A 484 22.84 -4.26 19.06
CA CYS A 484 23.86 -3.27 19.33
C CYS A 484 25.17 -3.75 18.73
N VAL A 485 25.69 -3.00 17.77
CA VAL A 485 26.91 -3.34 17.05
C VAL A 485 28.03 -2.42 17.53
N GLU A 486 28.94 -2.94 18.33
CA GLU A 486 30.10 -2.17 18.77
C GLU A 486 31.21 -2.32 17.74
N MET A 487 31.56 -1.22 17.08
CA MET A 487 32.63 -1.27 16.07
C MET A 487 34.01 -1.17 16.72
N GLY A 488 34.14 -0.41 17.80
CA GLY A 488 35.42 -0.20 18.46
C GLY A 488 35.65 -1.17 19.60
N ASP A 489 36.43 -0.71 20.59
CA ASP A 489 36.78 -1.54 21.73
C ASP A 489 35.78 -1.37 22.86
N VAL A 490 35.74 -2.36 23.75
CA VAL A 490 34.82 -2.37 24.88
C VAL A 490 35.44 -1.59 26.03
N GLU A 491 34.64 -0.71 26.64
CA GLU A 491 35.09 0.11 27.77
C GLU A 491 34.68 -0.58 29.05
N SER A 492 35.63 -1.29 29.67
CA SER A 492 35.36 -1.97 30.92
C SER A 492 35.31 -0.98 32.07
N ALA A 493 34.27 -1.10 32.90
CA ALA A 493 34.18 -0.28 34.11
C ALA A 493 35.22 -0.69 35.15
N PHE A 494 35.78 -1.88 35.04
CA PHE A 494 36.72 -2.39 36.02
C PHE A 494 38.16 -2.10 35.63
N MET B 1 7.07 -8.74 -31.26
CA MET B 1 7.98 -7.81 -31.90
C MET B 1 9.43 -8.24 -31.70
N SER B 2 10.22 -8.17 -32.77
CA SER B 2 11.62 -8.54 -32.74
C SER B 2 12.48 -7.34 -33.14
N THR B 3 13.79 -7.52 -33.01
CA THR B 3 14.75 -6.44 -33.25
C THR B 3 14.93 -6.21 -34.74
N GLY B 4 14.81 -4.95 -35.17
CA GLY B 4 15.02 -4.57 -36.54
C GLY B 4 13.77 -4.41 -37.38
N THR B 5 12.59 -4.32 -36.77
CA THR B 5 11.35 -4.18 -37.52
C THR B 5 10.45 -3.05 -37.04
N PHE B 6 10.57 -2.61 -35.78
CA PHE B 6 9.63 -1.65 -35.23
C PHE B 6 9.85 -0.26 -35.80
N VAL B 7 8.76 0.41 -36.15
CA VAL B 7 8.73 1.85 -36.41
C VAL B 7 7.54 2.42 -35.68
N VAL B 8 7.69 3.64 -35.16
CA VAL B 8 6.57 4.33 -34.54
C VAL B 8 5.52 4.64 -35.59
N SER B 9 4.25 4.36 -35.26
CA SER B 9 3.16 4.55 -36.19
C SER B 9 2.10 5.52 -35.68
N GLN B 10 2.27 6.08 -34.49
CA GLN B 10 1.30 6.96 -33.86
C GLN B 10 2.01 8.20 -33.34
N PRO B 11 1.28 9.30 -33.13
CA PRO B 11 1.92 10.49 -32.55
C PRO B 11 2.50 10.18 -31.18
N LEU B 12 3.51 10.96 -30.78
CA LEU B 12 4.29 10.68 -29.59
C LEU B 12 4.08 11.71 -28.47
N ASN B 13 3.15 12.64 -28.62
CA ASN B 13 2.70 13.45 -27.50
C ASN B 13 1.39 12.87 -26.97
N TYR B 14 1.07 13.20 -25.72
CA TYR B 14 -0.09 12.64 -25.06
C TYR B 14 -0.82 13.74 -24.29
N ARG B 15 -2.07 13.98 -24.68
CA ARG B 15 -2.90 15.02 -24.06
C ARG B 15 -4.34 14.55 -24.06
N GLY B 16 -5.07 14.90 -23.01
CA GLY B 16 -6.48 14.58 -22.90
C GLY B 16 -6.80 13.10 -23.08
N GLY B 17 -5.88 12.24 -22.67
CA GLY B 17 -6.11 10.81 -22.77
C GLY B 17 -5.95 10.22 -24.14
N ALA B 18 -5.23 10.89 -25.04
CA ALA B 18 -5.03 10.38 -26.38
C ALA B 18 -3.69 10.89 -26.92
N ARG B 19 -3.16 10.16 -27.90
CA ARG B 19 -1.94 10.56 -28.57
C ARG B 19 -2.25 11.68 -29.56
N VAL B 20 -1.50 12.78 -29.46
CA VAL B 20 -1.72 13.93 -30.33
C VAL B 20 -0.39 14.36 -30.93
N GLU B 21 -0.46 14.91 -32.12
CA GLU B 21 0.73 15.56 -32.66
C GLU B 21 0.90 16.91 -31.99
N PRO B 22 2.13 17.32 -31.68
CA PRO B 22 2.33 18.63 -31.04
C PRO B 22 1.78 19.75 -31.93
N ALA B 23 0.92 20.58 -31.34
CA ALA B 23 0.40 21.73 -32.05
C ALA B 23 1.49 22.75 -32.37
N ASP B 24 2.62 22.66 -31.69
CA ASP B 24 3.71 23.62 -31.81
C ASP B 24 5.01 22.85 -31.98
N ALA B 25 5.94 23.44 -32.73
CA ALA B 25 7.22 22.80 -33.00
C ALA B 25 8.35 23.63 -32.40
N SER B 26 9.37 22.93 -31.87
CA SER B 26 10.59 23.58 -31.41
C SER B 26 11.81 22.80 -31.87
N GLY B 27 11.64 21.92 -32.83
CA GLY B 27 12.73 21.09 -33.33
C GLY B 27 12.18 19.78 -33.88
N THR B 28 13.07 19.04 -34.53
CA THR B 28 12.74 17.73 -35.07
C THR B 28 13.92 16.80 -34.83
N GLU B 29 13.68 15.72 -34.09
CA GLU B 29 14.74 14.80 -33.69
C GLU B 29 14.40 13.41 -34.17
N LYS B 30 15.44 12.58 -34.29
CA LYS B 30 15.30 11.19 -34.71
C LYS B 30 15.58 10.29 -33.52
N ALA B 31 14.69 9.33 -33.29
CA ALA B 31 14.89 8.28 -32.30
C ALA B 31 15.36 7.02 -33.00
N PHE B 32 16.32 6.34 -32.37
CA PHE B 32 16.98 5.19 -32.99
C PHE B 32 16.69 3.90 -32.23
N GLU B 33 16.82 2.79 -32.96
CA GLU B 33 16.95 1.48 -32.38
C GLU B 33 18.44 1.17 -32.31
N PRO B 34 19.10 1.38 -31.17
CA PRO B 34 20.57 1.30 -31.15
C PRO B 34 21.12 -0.08 -31.49
N ALA B 35 20.30 -1.12 -31.40
CA ALA B 35 20.77 -2.45 -31.77
C ALA B 35 21.05 -2.56 -33.26
N THR B 36 20.38 -1.73 -34.06
CA THR B 36 20.52 -1.80 -35.51
C THR B 36 20.89 -0.48 -36.17
N GLY B 37 20.83 0.64 -35.45
CA GLY B 37 21.06 1.94 -36.05
C GLY B 37 19.89 2.50 -36.80
N ARG B 38 18.76 1.79 -36.85
CA ARG B 38 17.59 2.25 -37.58
C ARG B 38 16.93 3.41 -36.87
N VAL B 39 16.20 4.20 -37.65
CA VAL B 39 15.40 5.30 -37.12
C VAL B 39 13.99 4.77 -36.87
N ILE B 40 13.60 4.66 -35.60
CA ILE B 40 12.27 4.17 -35.27
C ILE B 40 11.24 5.29 -35.24
N ALA B 41 11.66 6.55 -35.14
CA ALA B 41 10.72 7.66 -35.13
C ALA B 41 11.43 8.95 -35.51
N THR B 42 10.73 9.79 -36.28
CA THR B 42 11.11 11.18 -36.50
C THR B 42 9.95 12.01 -35.97
N PHE B 43 10.14 12.63 -34.80
CA PHE B 43 9.06 13.28 -34.08
C PHE B 43 9.34 14.77 -33.94
N THR B 44 8.26 15.52 -33.69
CA THR B 44 8.32 16.96 -33.54
C THR B 44 8.54 17.31 -32.08
N CYS B 45 9.54 18.15 -31.82
CA CYS B 45 9.75 18.67 -30.48
C CYS B 45 8.71 19.74 -30.17
N SER B 46 8.16 19.67 -28.96
CA SER B 46 7.04 20.54 -28.61
C SER B 46 7.48 21.99 -28.46
N GLY B 47 6.63 22.89 -28.96
CA GLY B 47 6.85 24.31 -28.82
C GLY B 47 6.14 24.88 -27.62
N GLU B 48 6.07 26.22 -27.59
CA GLU B 48 5.47 26.91 -26.45
C GLU B 48 3.97 26.64 -26.38
N LYS B 49 3.28 26.66 -27.52
CA LYS B 49 1.82 26.49 -27.49
C LYS B 49 1.43 25.05 -27.19
N GLU B 50 2.23 24.07 -27.63
CA GLU B 50 1.96 22.68 -27.26
C GLU B 50 2.16 22.48 -25.76
N VAL B 51 3.24 23.05 -25.20
CA VAL B 51 3.47 22.97 -23.77
C VAL B 51 2.32 23.59 -23.01
N ASN B 52 1.82 24.74 -23.49
CA ASN B 52 0.70 25.39 -22.82
C ASN B 52 -0.56 24.55 -22.88
N LEU B 53 -0.82 23.92 -24.03
CA LEU B 53 -1.98 23.03 -24.15
C LEU B 53 -1.90 21.89 -23.14
N ALA B 54 -0.71 21.30 -23.00
CA ALA B 54 -0.55 20.18 -22.08
C ALA B 54 -0.69 20.63 -20.63
N VAL B 55 -0.16 21.80 -20.29
CA VAL B 55 -0.20 22.27 -18.91
C VAL B 55 -1.62 22.71 -18.54
N GLN B 56 -2.32 23.38 -19.45
CA GLN B 56 -3.71 23.73 -19.20
C GLN B 56 -4.57 22.48 -19.06
N ASN B 57 -4.37 21.52 -19.97
CA ASN B 57 -5.12 20.27 -19.88
C ASN B 57 -4.80 19.51 -18.61
N ALA B 58 -3.55 19.59 -18.15
CA ALA B 58 -3.18 18.94 -16.89
C ALA B 58 -3.78 19.66 -15.69
N LYS B 59 -3.92 20.99 -15.77
CA LYS B 59 -4.55 21.73 -14.67
C LYS B 59 -6.00 21.31 -14.49
N ALA B 60 -6.69 21.02 -15.60
CA ALA B 60 -8.09 20.60 -15.51
C ALA B 60 -8.21 19.23 -14.87
N ALA B 61 -7.24 18.35 -15.12
CA ALA B 61 -7.27 17.03 -14.49
C ALA B 61 -6.88 17.10 -13.03
N PHE B 62 -5.96 18.01 -12.69
CA PHE B 62 -5.60 18.22 -11.28
C PHE B 62 -6.81 18.64 -10.47
N LYS B 63 -7.69 19.47 -11.04
CA LYS B 63 -8.88 19.90 -10.31
C LYS B 63 -9.79 18.72 -10.00
N ILE B 64 -9.92 17.79 -10.94
CA ILE B 64 -10.73 16.60 -10.71
C ILE B 64 -9.99 15.62 -9.81
N TRP B 65 -8.73 15.33 -10.14
CA TRP B 65 -7.97 14.30 -9.42
C TRP B 65 -7.76 14.66 -7.96
N SER B 66 -7.45 15.93 -7.67
CA SER B 66 -7.19 16.32 -6.29
C SER B 66 -8.43 16.18 -5.42
N GLN B 67 -9.61 16.43 -5.99
CA GLN B 67 -10.86 16.28 -5.23
C GLN B 67 -11.22 14.82 -4.96
N LYS B 68 -10.55 13.87 -5.62
CA LYS B 68 -10.70 12.47 -5.25
C LYS B 68 -10.10 12.22 -3.88
N SER B 69 -10.47 11.08 -3.30
CA SER B 69 -9.95 10.69 -1.99
C SER B 69 -8.67 9.88 -2.18
N GLY B 70 -7.90 9.76 -1.08
CA GLY B 70 -6.70 8.97 -1.12
C GLY B 70 -6.97 7.50 -1.39
N MET B 71 -8.15 7.01 -1.02
CA MET B 71 -8.51 5.63 -1.32
C MET B 71 -8.79 5.45 -2.80
N GLU B 72 -9.45 6.43 -3.42
CA GLU B 72 -9.71 6.36 -4.85
C GLU B 72 -8.42 6.50 -5.65
N ARG B 73 -7.52 7.38 -5.21
CA ARG B 73 -6.24 7.51 -5.89
C ARG B 73 -5.42 6.22 -5.77
N CYS B 74 -5.46 5.59 -4.60
CA CYS B 74 -4.77 4.31 -4.40
C CYS B 74 -5.36 3.22 -5.29
N ARG B 75 -6.69 3.14 -5.35
CA ARG B 75 -7.35 2.11 -6.16
C ARG B 75 -6.90 2.19 -7.61
N ILE B 76 -6.87 3.39 -8.17
CA ILE B 76 -6.51 3.55 -9.58
C ILE B 76 -5.03 3.26 -9.79
N LEU B 77 -4.18 3.68 -8.84
CA LEU B 77 -2.76 3.45 -8.98
C LEU B 77 -2.41 1.97 -8.86
N LEU B 78 -3.14 1.24 -8.00
CA LEU B 78 -2.94 -0.20 -7.92
C LEU B 78 -3.31 -0.89 -9.23
N GLU B 79 -4.40 -0.46 -9.86
CA GLU B 79 -4.76 -0.99 -11.18
C GLU B 79 -3.67 -0.70 -12.20
N ALA B 80 -3.10 0.51 -12.17
CA ALA B 80 -2.06 0.85 -13.12
C ALA B 80 -0.85 -0.08 -12.99
N ALA B 81 -0.44 -0.39 -11.76
CA ALA B 81 0.67 -1.30 -11.56
C ALA B 81 0.34 -2.69 -12.07
N ARG B 82 -0.89 -3.14 -11.85
CA ARG B 82 -1.32 -4.45 -12.37
C ARG B 82 -1.24 -4.48 -13.89
N ILE B 83 -1.69 -3.42 -14.55
CA ILE B 83 -1.64 -3.39 -16.01
C ILE B 83 -0.20 -3.37 -16.49
N ILE B 84 0.67 -2.64 -15.78
CA ILE B 84 2.09 -2.65 -16.12
C ILE B 84 2.66 -4.05 -15.95
N ARG B 85 2.22 -4.75 -14.90
CA ARG B 85 2.68 -6.12 -14.68
C ARG B 85 2.15 -7.07 -15.75
N GLU B 86 0.88 -6.91 -16.11
CA GLU B 86 0.30 -7.77 -17.15
C GLU B 86 0.96 -7.55 -18.51
N ARG B 87 1.51 -6.36 -18.74
CA ARG B 87 2.12 -6.01 -20.02
C ARG B 87 3.63 -5.81 -19.89
N GLU B 88 4.25 -6.48 -18.90
CA GLU B 88 5.66 -6.21 -18.62
C GLU B 88 6.55 -6.57 -19.80
N ASP B 89 6.29 -7.70 -20.45
CA ASP B 89 7.14 -8.12 -21.55
C ASP B 89 6.99 -7.19 -22.75
N GLU B 90 5.78 -6.70 -23.01
CA GLU B 90 5.59 -5.74 -24.09
C GLU B 90 6.30 -4.43 -23.78
N ILE B 91 6.21 -3.96 -22.54
CA ILE B 91 6.86 -2.71 -22.16
C ILE B 91 8.37 -2.86 -22.19
N ALA B 92 8.89 -3.97 -21.67
CA ALA B 92 10.33 -4.19 -21.68
C ALA B 92 10.86 -4.30 -23.10
N THR B 93 10.09 -4.90 -24.00
CA THR B 93 10.50 -5.01 -25.40
C THR B 93 10.64 -3.63 -26.03
N MET B 94 9.60 -2.79 -25.90
CA MET B 94 9.68 -1.43 -26.41
C MET B 94 10.83 -0.66 -25.75
N GLU B 95 11.03 -0.87 -24.44
CA GLU B 95 12.15 -0.25 -23.75
C GLU B 95 13.48 -0.66 -24.37
N CYS B 96 13.64 -1.95 -24.69
CA CYS B 96 14.88 -2.43 -25.29
C CYS B 96 15.11 -1.84 -26.67
N ILE B 97 14.08 -1.90 -27.53
CA ILE B 97 14.20 -1.42 -28.91
C ILE B 97 14.72 0.01 -28.93
N ASN B 98 14.20 0.86 -28.06
CA ASN B 98 14.54 2.28 -28.08
C ASN B 98 15.79 2.59 -27.26
N ASN B 99 16.03 1.87 -26.17
CA ASN B 99 17.14 2.17 -25.27
C ASN B 99 18.36 1.28 -25.49
N GLY B 100 18.15 0.01 -25.83
CA GLY B 100 19.24 -0.89 -26.10
C GLY B 100 19.74 -1.72 -24.94
N LYS B 101 19.23 -1.51 -23.73
CA LYS B 101 19.61 -2.38 -22.62
C LYS B 101 19.00 -3.76 -22.82
N SER B 102 19.62 -4.75 -22.19
CA SER B 102 19.17 -6.12 -22.32
C SER B 102 17.74 -6.28 -21.81
N ILE B 103 17.00 -7.21 -22.41
CA ILE B 103 15.67 -7.53 -21.93
C ILE B 103 15.73 -8.02 -20.49
N PHE B 104 16.87 -8.61 -20.11
CA PHE B 104 17.08 -9.00 -18.71
C PHE B 104 17.03 -7.79 -17.79
N GLU B 105 17.71 -6.70 -18.16
CA GLU B 105 17.72 -5.50 -17.33
C GLU B 105 16.42 -4.72 -17.44
N ALA B 106 15.83 -4.66 -18.63
CA ALA B 106 14.57 -3.95 -18.80
C ALA B 106 13.49 -4.54 -17.92
N ARG B 107 13.42 -5.87 -17.84
CA ARG B 107 12.43 -6.53 -16.99
C ARG B 107 12.58 -6.09 -15.53
N LEU B 108 13.81 -5.96 -15.05
CA LEU B 108 14.02 -5.48 -13.68
C LEU B 108 13.55 -4.04 -13.53
N ASP B 109 13.83 -3.18 -14.52
CA ASP B 109 13.41 -1.79 -14.45
C ASP B 109 11.91 -1.67 -14.27
N ILE B 110 11.14 -2.45 -15.02
CA ILE B 110 9.69 -2.34 -14.97
C ILE B 110 9.13 -2.97 -13.70
N ASP B 111 9.75 -4.05 -13.21
CA ASP B 111 9.42 -4.55 -11.88
C ASP B 111 9.53 -3.43 -10.85
N ILE B 112 10.65 -2.71 -10.86
CA ILE B 112 10.82 -1.56 -9.96
C ILE B 112 9.76 -0.51 -10.23
N SER B 113 9.29 -0.40 -11.47
CA SER B 113 8.34 0.65 -11.82
C SER B 113 6.97 0.40 -11.18
N TRP B 114 6.40 -0.79 -11.36
CA TRP B 114 5.09 -1.04 -10.77
C TRP B 114 5.16 -1.30 -9.28
N GLN B 115 6.30 -1.75 -8.76
CA GLN B 115 6.49 -1.81 -7.32
C GLN B 115 6.47 -0.42 -6.72
N CYS B 116 7.12 0.53 -7.39
CA CYS B 116 7.04 1.93 -6.99
C CYS B 116 5.61 2.43 -7.07
N LEU B 117 4.89 2.03 -8.11
CA LEU B 117 3.49 2.43 -8.26
C LEU B 117 2.64 1.90 -7.11
N GLU B 118 2.84 0.63 -6.74
CA GLU B 118 2.13 0.08 -5.60
C GLU B 118 2.57 0.74 -4.30
N TYR B 119 3.86 1.07 -4.19
CA TYR B 119 4.39 1.70 -2.98
C TYR B 119 3.67 3.01 -2.69
N TYR B 120 3.70 3.94 -3.64
CA TYR B 120 3.07 5.24 -3.40
C TYR B 120 1.54 5.14 -3.42
N ALA B 121 0.99 4.15 -4.12
CA ALA B 121 -0.43 3.84 -3.96
C ALA B 121 -0.77 3.55 -2.50
N GLY B 122 0.06 2.73 -1.85
CA GLY B 122 -0.16 2.47 -0.43
C GLY B 122 -0.10 3.72 0.42
N LEU B 123 0.88 4.59 0.16
CA LEU B 123 1.00 5.82 0.93
C LEU B 123 -0.13 6.80 0.64
N ALA B 124 -0.73 6.72 -0.56
CA ALA B 124 -1.83 7.63 -0.87
C ALA B 124 -3.07 7.30 -0.06
N ALA B 125 -3.26 6.03 0.30
CA ALA B 125 -4.39 5.63 1.11
C ALA B 125 -4.20 5.97 2.58
N SER B 126 -2.96 5.92 3.07
CA SER B 126 -2.66 6.12 4.48
C SER B 126 -2.08 7.49 4.78
N MET B 127 -2.22 8.44 3.86
CA MET B 127 -1.69 9.78 4.09
C MET B 127 -2.51 10.51 5.14
N ALA B 128 -1.82 11.20 6.04
CA ALA B 128 -2.50 11.87 7.14
C ALA B 128 -1.66 13.05 7.62
N GLY B 129 -2.34 14.10 8.05
CA GLY B 129 -1.69 15.24 8.67
C GLY B 129 -1.55 15.06 10.17
N GLU B 130 -1.50 16.19 10.87
CA GLU B 130 -1.29 16.17 12.31
C GLU B 130 -2.43 16.88 13.02
N HIS B 131 -2.69 16.45 14.24
CA HIS B 131 -3.63 17.12 15.14
C HIS B 131 -2.88 17.44 16.42
N ILE B 132 -2.75 18.74 16.71
CA ILE B 132 -2.02 19.22 17.88
C ILE B 132 -3.02 19.89 18.81
N GLN B 133 -2.82 19.68 20.12
CA GLN B 133 -3.76 20.17 21.12
C GLN B 133 -3.46 21.61 21.52
N GLY B 136 -4.94 26.04 24.79
CA GLY B 136 -5.85 26.11 25.92
C GLY B 136 -7.21 25.51 25.64
N GLY B 137 -7.25 24.20 25.38
CA GLY B 137 -8.45 23.53 24.94
C GLY B 137 -8.76 23.72 23.47
N SER B 138 -7.95 24.48 22.75
CA SER B 138 -8.06 24.68 21.32
C SER B 138 -7.09 23.76 20.59
N PHE B 139 -7.34 23.54 19.30
CA PHE B 139 -6.56 22.59 18.53
C PHE B 139 -6.29 23.15 17.15
N GLY B 140 -5.25 22.61 16.52
CA GLY B 140 -4.97 22.89 15.13
C GLY B 140 -4.67 21.61 14.38
N TYR B 141 -4.92 21.62 13.09
CA TYR B 141 -4.64 20.47 12.25
C TYR B 141 -3.95 20.91 10.96
N THR B 142 -3.18 19.97 10.40
CA THR B 142 -2.49 20.17 9.13
C THR B 142 -2.96 19.13 8.13
N ARG B 143 -2.91 19.49 6.85
CA ARG B 143 -3.26 18.58 5.77
C ARG B 143 -2.30 18.75 4.62
N ARG B 144 -1.80 17.64 4.09
CA ARG B 144 -0.95 17.68 2.92
C ARG B 144 -1.80 17.86 1.67
N GLU B 145 -1.44 18.81 0.82
CA GLU B 145 -2.19 19.09 -0.37
C GLU B 145 -1.28 19.05 -1.59
N PRO B 146 -1.77 18.56 -2.73
CA PRO B 146 -0.96 18.56 -3.94
C PRO B 146 -0.57 19.97 -4.34
N LEU B 147 0.51 20.08 -5.10
CA LEU B 147 1.00 21.37 -5.54
C LEU B 147 0.24 21.89 -6.75
N GLY B 148 -0.26 20.98 -7.58
CA GLY B 148 -0.91 21.37 -8.82
C GLY B 148 -0.35 20.59 -10.00
N VAL B 149 0.14 21.32 -11.00
CA VAL B 149 0.74 20.69 -12.16
C VAL B 149 2.25 20.61 -11.94
N CYS B 150 2.77 19.40 -11.83
CA CYS B 150 4.19 19.16 -11.70
C CYS B 150 4.76 18.72 -13.04
N VAL B 151 6.06 18.90 -13.20
CA VAL B 151 6.76 18.54 -14.43
C VAL B 151 7.85 17.53 -14.09
N GLY B 152 7.91 16.45 -14.87
CA GLY B 152 8.99 15.47 -14.77
C GLY B 152 9.83 15.49 -16.04
N ILE B 153 11.14 15.62 -15.85
CA ILE B 153 12.10 15.62 -16.95
C ILE B 153 12.85 14.30 -16.92
N GLY B 154 12.70 13.51 -17.99
CA GLY B 154 13.26 12.18 -18.02
C GLY B 154 14.67 12.13 -18.58
N ALA B 155 15.34 11.01 -18.31
CA ALA B 155 16.64 10.70 -18.88
C ALA B 155 16.53 9.48 -19.79
N TRP B 156 17.58 9.21 -20.55
CA TRP B 156 17.54 8.15 -21.55
C TRP B 156 18.04 6.81 -21.03
N ASN B 157 18.72 6.76 -19.88
CA ASN B 157 19.25 5.48 -19.40
C ASN B 157 18.17 4.61 -18.76
N TYR B 158 17.17 5.19 -18.12
CA TYR B 158 16.04 4.46 -17.55
C TYR B 158 14.75 5.16 -17.94
N PRO B 159 14.36 5.09 -19.22
CA PRO B 159 13.20 5.86 -19.68
C PRO B 159 11.92 5.53 -18.94
N PHE B 160 11.49 4.28 -18.96
CA PHE B 160 10.21 3.94 -18.35
C PHE B 160 10.26 4.03 -16.82
N GLN B 161 11.40 3.67 -16.23
CA GLN B 161 11.50 3.69 -14.77
C GLN B 161 11.43 5.11 -14.22
N ILE B 162 12.15 6.04 -14.84
CA ILE B 162 12.15 7.42 -14.37
C ILE B 162 10.76 8.03 -14.52
N ALA B 163 10.11 7.77 -15.66
CA ALA B 163 8.74 8.23 -15.83
C ALA B 163 7.83 7.65 -14.74
N SER B 164 8.07 6.41 -14.32
CA SER B 164 7.25 5.81 -13.27
C SER B 164 7.60 6.40 -11.90
N TRP B 165 8.89 6.56 -11.61
CA TRP B 165 9.31 7.05 -10.30
C TRP B 165 8.99 8.52 -10.10
N LYS B 166 8.80 9.28 -11.17
CA LYS B 166 8.41 10.67 -11.03
C LYS B 166 6.89 10.84 -10.97
N SER B 167 6.15 10.03 -11.73
CA SER B 167 4.71 10.24 -11.82
C SER B 167 3.97 9.60 -10.64
N ALA B 168 4.43 8.42 -10.20
CA ALA B 168 3.79 7.70 -9.11
C ALA B 168 3.64 8.57 -7.85
N PRO B 169 4.70 9.15 -7.30
CA PRO B 169 4.50 9.99 -6.11
C PRO B 169 3.73 11.25 -6.39
N ALA B 170 3.95 11.88 -7.55
CA ALA B 170 3.23 13.11 -7.88
C ALA B 170 1.73 12.86 -7.94
N LEU B 171 1.33 11.81 -8.68
CA LEU B 171 -0.09 11.50 -8.78
C LEU B 171 -0.65 10.97 -7.47
N ALA B 172 0.15 10.26 -6.68
CA ALA B 172 -0.33 9.75 -5.40
C ALA B 172 -0.71 10.88 -4.46
N CYS B 173 0.05 11.98 -4.48
CA CYS B 173 -0.27 13.14 -3.65
C CYS B 173 -1.43 13.96 -4.18
N GLY B 174 -1.90 13.67 -5.39
CA GLY B 174 -2.98 14.40 -6.00
C GLY B 174 -2.58 15.40 -7.06
N ASN B 175 -1.32 15.39 -7.49
CA ASN B 175 -0.86 16.30 -8.53
C ASN B 175 -1.15 15.74 -9.91
N ALA B 176 -1.16 16.63 -10.89
CA ALA B 176 -1.00 16.22 -12.28
C ALA B 176 0.46 16.31 -12.65
N MET B 177 0.83 15.65 -13.75
CA MET B 177 2.21 15.72 -14.22
C MET B 177 2.25 15.81 -15.73
N VAL B 178 3.01 16.77 -16.24
CA VAL B 178 3.42 16.82 -17.63
C VAL B 178 4.86 16.32 -17.69
N PHE B 179 5.06 15.18 -18.33
CA PHE B 179 6.36 14.53 -18.39
C PHE B 179 7.02 14.80 -19.73
N LYS B 180 8.31 15.15 -19.70
CA LYS B 180 9.09 15.35 -20.91
C LYS B 180 10.17 14.27 -20.99
N PRO B 181 10.00 13.25 -21.83
CA PRO B 181 11.06 12.25 -21.96
C PRO B 181 12.31 12.85 -22.57
N SER B 182 13.41 12.10 -22.44
CA SER B 182 14.61 12.47 -23.17
C SER B 182 14.35 12.35 -24.67
N PRO B 183 14.79 13.32 -25.47
CA PRO B 183 14.59 13.20 -26.93
C PRO B 183 15.22 11.94 -27.52
N PHE B 184 16.17 11.31 -26.83
CA PHE B 184 16.75 10.06 -27.32
C PHE B 184 15.75 8.91 -27.23
N THR B 185 14.97 8.86 -26.15
CA THR B 185 14.11 7.72 -25.84
C THR B 185 12.68 8.19 -25.57
N PRO B 186 11.93 8.55 -26.61
CA PRO B 186 10.56 9.06 -26.41
C PRO B 186 9.45 8.03 -26.40
N VAL B 187 9.71 6.78 -26.81
CA VAL B 187 8.62 5.86 -27.11
C VAL B 187 7.98 5.32 -25.83
N SER B 188 8.78 4.76 -24.92
CA SER B 188 8.21 3.96 -23.83
C SER B 188 7.35 4.79 -22.89
N ALA B 189 7.60 6.10 -22.78
CA ALA B 189 6.83 6.93 -21.86
C ALA B 189 5.35 6.97 -22.21
N LEU B 190 4.99 6.67 -23.46
CA LEU B 190 3.58 6.72 -23.85
C LEU B 190 2.81 5.47 -23.47
N LEU B 191 3.49 4.33 -23.35
CA LEU B 191 2.83 3.14 -22.81
C LEU B 191 2.35 3.40 -21.38
N LEU B 192 3.15 4.11 -20.58
CA LEU B 192 2.73 4.47 -19.24
C LEU B 192 1.54 5.42 -19.26
N ALA B 193 1.59 6.42 -20.13
CA ALA B 193 0.45 7.33 -20.28
C ALA B 193 -0.79 6.57 -20.74
N GLU B 194 -0.62 5.62 -21.65
CA GLU B 194 -1.74 4.79 -22.07
C GLU B 194 -2.24 3.90 -20.93
N ILE B 195 -1.32 3.43 -20.08
CA ILE B 195 -1.71 2.57 -18.97
C ILE B 195 -2.39 3.38 -17.87
N TYR B 196 -1.88 4.58 -17.58
CA TYR B 196 -2.53 5.43 -16.59
C TYR B 196 -3.98 5.70 -16.97
N SER B 197 -4.22 6.04 -18.25
CA SER B 197 -5.59 6.32 -18.69
C SER B 197 -6.45 5.07 -18.63
N GLU B 198 -5.86 3.91 -18.92
CA GLU B 198 -6.60 2.66 -18.87
C GLU B 198 -6.95 2.28 -17.43
N ALA B 199 -6.13 2.72 -16.46
CA ALA B 199 -6.40 2.44 -15.07
C ALA B 199 -7.45 3.35 -14.47
N GLY B 200 -7.74 4.49 -15.10
CA GLY B 200 -8.84 5.31 -14.67
C GLY B 200 -8.49 6.70 -14.20
N VAL B 201 -7.28 7.19 -14.51
CA VAL B 201 -6.92 8.56 -14.17
C VAL B 201 -7.73 9.49 -15.07
N PRO B 202 -8.03 10.72 -14.65
CA PRO B 202 -8.77 11.62 -15.52
C PRO B 202 -7.94 12.00 -16.74
N PRO B 203 -8.57 12.31 -17.86
CA PRO B 203 -7.83 12.76 -19.04
C PRO B 203 -7.00 13.99 -18.72
N GLY B 204 -5.71 13.92 -19.03
CA GLY B 204 -4.80 15.02 -18.79
C GLY B 204 -3.99 14.92 -17.53
N LEU B 205 -4.24 13.91 -16.69
CA LEU B 205 -3.51 13.81 -15.43
C LEU B 205 -2.04 13.52 -15.67
N PHE B 206 -1.74 12.65 -16.62
CA PHE B 206 -0.37 12.37 -17.02
C PHE B 206 -0.25 12.65 -18.53
N ASN B 207 0.27 13.82 -18.86
CA ASN B 207 0.52 14.20 -20.24
C ASN B 207 2.01 14.07 -20.55
N VAL B 208 2.30 13.80 -21.83
CA VAL B 208 3.66 13.63 -22.31
C VAL B 208 3.91 14.63 -23.43
N VAL B 209 4.94 15.47 -23.27
CA VAL B 209 5.39 16.38 -24.32
C VAL B 209 6.83 16.00 -24.67
N GLN B 210 7.08 15.74 -25.95
CA GLN B 210 8.43 15.44 -26.41
C GLN B 210 9.17 16.74 -26.72
N GLY B 211 10.48 16.68 -26.62
CA GLY B 211 11.31 17.82 -26.94
C GLY B 211 12.62 17.77 -26.18
N GLY B 212 13.46 18.76 -26.46
CA GLY B 212 14.75 18.87 -25.81
C GLY B 212 14.84 20.00 -24.82
N ALA B 213 15.93 20.78 -24.90
CA ALA B 213 16.15 21.85 -23.93
C ALA B 213 15.11 22.95 -24.07
N ALA B 214 14.78 23.33 -25.30
CA ALA B 214 13.81 24.41 -25.51
C ALA B 214 12.44 24.03 -24.95
N THR B 215 11.99 22.81 -25.22
CA THR B 215 10.75 22.33 -24.62
C THR B 215 10.83 22.34 -23.10
N GLY B 216 11.96 21.90 -22.55
CA GLY B 216 12.14 21.91 -21.11
C GLY B 216 12.13 23.30 -20.52
N GLN B 217 12.67 24.28 -21.26
CA GLN B 217 12.62 25.66 -20.80
C GLN B 217 11.18 26.16 -20.75
N PHE B 218 10.40 25.88 -21.79
CA PHE B 218 8.98 26.26 -21.79
C PHE B 218 8.26 25.64 -20.62
N LEU B 219 8.58 24.38 -20.29
CA LEU B 219 7.95 23.73 -19.15
C LEU B 219 8.32 24.41 -17.85
N CYS B 220 9.62 24.68 -17.65
CA CYS B 220 10.06 25.31 -16.41
C CYS B 220 9.59 26.76 -16.30
N GLN B 221 9.40 27.43 -17.43
CA GLN B 221 8.98 28.83 -17.41
C GLN B 221 7.47 29.01 -17.24
N HIS B 222 6.68 27.95 -17.40
CA HIS B 222 5.23 28.11 -17.42
C HIS B 222 4.74 28.52 -16.04
N PRO B 223 3.90 29.55 -15.93
CA PRO B 223 3.46 30.01 -14.60
C PRO B 223 2.53 29.03 -13.90
N ASP B 224 1.83 28.17 -14.64
CA ASP B 224 0.93 27.20 -14.03
C ASP B 224 1.62 25.91 -13.66
N VAL B 225 2.93 25.82 -13.87
CA VAL B 225 3.72 24.68 -13.41
C VAL B 225 4.16 24.94 -11.98
N ALA B 226 3.87 23.99 -11.09
CA ALA B 226 4.12 24.18 -9.67
C ALA B 226 5.54 23.80 -9.28
N LYS B 227 6.04 22.66 -9.75
CA LYS B 227 7.39 22.20 -9.44
C LYS B 227 7.92 21.38 -10.59
N VAL B 228 9.25 21.25 -10.64
CA VAL B 228 9.94 20.52 -11.68
C VAL B 228 10.92 19.54 -11.03
N SER B 229 10.82 18.27 -11.41
CA SER B 229 11.73 17.23 -10.91
C SER B 229 12.72 16.89 -12.01
N PHE B 230 14.01 17.05 -11.70
CA PHE B 230 15.09 16.88 -12.67
C PHE B 230 15.85 15.59 -12.44
N THR B 231 16.65 15.22 -13.43
CA THR B 231 17.57 14.09 -13.33
C THR B 231 18.60 14.15 -14.45
N LYS B 258 34.50 10.65 -9.07
CA LYS B 258 33.49 9.69 -9.47
C LYS B 258 33.34 8.58 -8.43
N SER B 259 32.21 7.86 -8.48
CA SER B 259 31.87 6.86 -7.49
C SER B 259 32.97 5.81 -7.36
N PRO B 260 33.53 5.61 -6.17
CA PRO B 260 34.63 4.65 -6.02
C PRO B 260 34.21 3.30 -5.48
N LEU B 261 34.86 2.25 -5.95
CA LEU B 261 34.72 0.90 -5.41
C LEU B 261 36.05 0.52 -4.78
N ILE B 262 36.03 0.18 -3.49
CA ILE B 262 37.23 -0.14 -2.73
C ILE B 262 37.17 -1.62 -2.37
N ILE B 263 38.25 -2.34 -2.67
CA ILE B 263 38.32 -3.78 -2.45
C ILE B 263 39.55 -4.08 -1.60
N PHE B 264 39.32 -4.60 -0.40
CA PHE B 264 40.38 -4.97 0.51
C PHE B 264 40.74 -6.45 0.36
N SER B 265 41.89 -6.82 0.95
CA SER B 265 42.39 -8.19 0.77
C SER B 265 41.56 -9.22 1.53
N ASP B 266 40.92 -8.82 2.63
CA ASP B 266 40.14 -9.76 3.44
C ASP B 266 38.72 -9.98 2.93
N CYS B 267 38.44 -9.59 1.69
CA CYS B 267 37.12 -9.73 1.12
C CYS B 267 36.92 -11.11 0.53
N ASP B 268 35.67 -11.41 0.16
CA ASP B 268 35.35 -12.60 -0.62
C ASP B 268 35.70 -12.29 -2.07
N MET B 269 36.88 -12.74 -2.50
CA MET B 269 37.42 -12.41 -3.81
C MET B 269 36.39 -12.61 -4.92
N ASN B 270 35.67 -13.73 -4.91
CA ASN B 270 34.66 -13.97 -5.94
C ASN B 270 33.56 -12.92 -5.90
N ASN B 271 33.05 -12.61 -4.69
CA ASN B 271 32.00 -11.61 -4.58
C ASN B 271 32.50 -10.22 -4.97
N ALA B 272 33.81 -9.97 -4.80
CA ALA B 272 34.35 -8.68 -5.19
C ALA B 272 34.45 -8.56 -6.71
N VAL B 273 34.81 -9.65 -7.38
CA VAL B 273 34.84 -9.66 -8.84
C VAL B 273 33.44 -9.50 -9.41
N LYS B 274 32.50 -10.32 -8.94
CA LYS B 274 31.13 -10.22 -9.41
C LYS B 274 30.55 -8.83 -9.15
N GLY B 275 30.79 -8.29 -7.95
CA GLY B 275 30.33 -6.94 -7.65
C GLY B 275 30.97 -5.89 -8.52
N ALA B 276 32.25 -6.08 -8.88
CA ALA B 276 32.93 -5.12 -9.73
C ALA B 276 32.30 -5.07 -11.12
N LEU B 277 31.99 -6.23 -11.69
CA LEU B 277 31.34 -6.26 -13.00
C LEU B 277 29.94 -5.67 -12.93
N MET B 278 29.22 -5.92 -11.85
CA MET B 278 27.88 -5.36 -11.68
C MET B 278 27.90 -3.85 -11.46
N ALA B 279 29.06 -3.28 -11.14
CA ALA B 279 29.18 -1.86 -10.88
C ALA B 279 29.68 -1.07 -12.09
N ASN B 280 30.03 -1.73 -13.18
CA ASN B 280 30.62 -1.05 -14.32
C ASN B 280 29.89 -1.36 -15.62
N PHE B 281 29.29 -2.54 -15.72
CA PHE B 281 28.82 -3.06 -17.00
C PHE B 281 27.32 -3.33 -17.03
N LEU B 282 26.57 -2.75 -16.10
CA LEU B 282 25.11 -2.81 -16.15
C LEU B 282 24.58 -1.61 -16.94
N THR B 283 23.66 -1.89 -17.87
CA THR B 283 23.13 -0.87 -18.78
C THR B 283 24.26 -0.22 -19.58
N GLN B 284 25.16 -1.06 -20.09
CA GLN B 284 26.30 -0.62 -20.90
C GLN B 284 27.15 0.41 -20.16
N GLY B 285 27.16 0.35 -18.84
CA GLY B 285 27.87 1.32 -18.04
C GLY B 285 27.29 2.71 -18.09
N GLN B 286 26.10 2.89 -18.66
CA GLN B 286 25.47 4.19 -18.81
C GLN B 286 24.55 4.47 -17.62
N VAL B 287 25.12 4.40 -16.42
CA VAL B 287 24.39 4.58 -15.18
C VAL B 287 25.12 5.60 -14.32
N CYS B 288 24.35 6.46 -13.65
CA CYS B 288 24.93 7.40 -12.70
C CYS B 288 25.37 6.67 -11.44
N CYS B 289 26.45 7.17 -10.84
CA CYS B 289 27.03 6.58 -9.62
C CYS B 289 27.37 5.11 -9.81
N ASN B 290 27.97 4.80 -10.96
CA ASN B 290 28.53 3.47 -11.19
C ASN B 290 29.87 3.36 -10.48
N GLY B 291 30.16 2.16 -9.99
CA GLY B 291 31.43 1.94 -9.32
C GLY B 291 32.57 1.77 -10.30
N THR B 292 32.88 2.85 -11.03
CA THR B 292 33.87 2.79 -12.11
C THR B 292 35.29 3.07 -11.64
N ARG B 293 35.47 3.68 -10.47
CA ARG B 293 36.80 3.91 -9.91
C ARG B 293 37.06 2.81 -8.89
N VAL B 294 37.80 1.79 -9.31
CA VAL B 294 38.01 0.58 -8.51
C VAL B 294 39.40 0.63 -7.89
N PHE B 295 39.45 0.59 -6.56
CA PHE B 295 40.69 0.53 -5.81
C PHE B 295 40.93 -0.89 -5.33
N VAL B 296 42.10 -1.43 -5.63
CA VAL B 296 42.45 -2.81 -5.30
C VAL B 296 43.76 -2.82 -4.54
N GLN B 297 43.79 -3.53 -3.41
CA GLN B 297 45.02 -3.65 -2.63
C GLN B 297 46.08 -4.41 -3.42
N LYS B 298 47.34 -4.05 -3.18
CA LYS B 298 48.45 -4.67 -3.90
C LYS B 298 48.54 -6.17 -3.65
N GLU B 299 48.13 -6.62 -2.45
CA GLU B 299 48.22 -8.04 -2.12
C GLU B 299 47.36 -8.89 -3.04
N ILE B 300 46.19 -8.39 -3.43
CA ILE B 300 45.28 -9.14 -4.27
C ILE B 300 44.98 -8.34 -5.54
N LEU B 301 46.03 -7.93 -6.24
CA LEU B 301 45.86 -7.15 -7.46
C LEU B 301 45.84 -8.04 -8.71
N ASP B 302 46.86 -8.89 -8.87
CA ASP B 302 46.93 -9.77 -10.02
C ASP B 302 45.79 -10.77 -10.02
N LYS B 303 45.53 -11.40 -8.87
CA LYS B 303 44.44 -12.38 -8.79
C LYS B 303 43.10 -11.73 -9.11
N PHE B 304 42.85 -10.53 -8.57
CA PHE B 304 41.60 -9.83 -8.87
C PHE B 304 41.51 -9.46 -10.34
N THR B 305 42.54 -8.78 -10.85
CA THR B 305 42.52 -8.30 -12.23
C THR B 305 42.32 -9.45 -13.22
N GLU B 306 43.14 -10.49 -13.12
CA GLU B 306 43.02 -11.63 -14.03
C GLU B 306 41.61 -12.22 -14.01
N GLU B 307 41.01 -12.33 -12.82
CA GLU B 307 39.67 -12.88 -12.73
C GLU B 307 38.61 -11.91 -13.27
N VAL B 308 38.87 -10.61 -13.17
CA VAL B 308 37.91 -9.63 -13.69
C VAL B 308 37.93 -9.63 -15.21
N VAL B 309 39.13 -9.66 -15.80
CA VAL B 309 39.24 -9.67 -17.25
C VAL B 309 38.66 -10.96 -17.83
N LYS B 310 38.86 -12.08 -17.13
CA LYS B 310 38.33 -13.36 -17.59
C LYS B 310 36.81 -13.34 -17.63
N GLN B 311 36.17 -12.85 -16.58
CA GLN B 311 34.71 -12.80 -16.55
C GLN B 311 34.15 -11.69 -17.43
N THR B 312 34.92 -10.63 -17.66
CA THR B 312 34.44 -9.53 -18.51
C THR B 312 34.36 -9.96 -19.96
N GLN B 313 35.35 -10.72 -20.44
CA GLN B 313 35.32 -11.20 -21.81
C GLN B 313 34.27 -12.27 -22.03
N ARG B 314 33.63 -12.76 -20.98
CA ARG B 314 32.55 -13.73 -21.11
C ARG B 314 31.17 -13.07 -21.16
N ILE B 315 31.10 -11.75 -21.09
CA ILE B 315 29.82 -11.05 -21.15
C ILE B 315 29.31 -11.10 -22.59
N LYS B 316 28.10 -11.61 -22.76
CA LYS B 316 27.54 -11.78 -24.10
C LYS B 316 27.00 -10.44 -24.60
N ILE B 317 27.56 -9.97 -25.72
CA ILE B 317 27.13 -8.75 -26.39
C ILE B 317 26.29 -9.14 -27.60
N GLY B 318 25.18 -8.45 -27.79
CA GLY B 318 24.35 -8.76 -28.95
C GLY B 318 23.00 -8.08 -28.89
N ASP B 319 22.04 -8.72 -29.54
CA ASP B 319 20.67 -8.22 -29.63
C ASP B 319 20.08 -8.08 -28.22
N PRO B 320 19.63 -6.89 -27.82
CA PRO B 320 19.05 -6.73 -26.48
C PRO B 320 17.89 -7.66 -26.21
N LEU B 321 17.12 -8.03 -27.23
CA LEU B 321 15.93 -8.85 -27.03
C LEU B 321 16.26 -10.33 -26.84
N LEU B 322 17.53 -10.71 -26.89
CA LEU B 322 17.91 -12.08 -26.60
C LEU B 322 18.05 -12.28 -25.10
N GLU B 323 17.56 -13.42 -24.60
CA GLU B 323 17.53 -13.67 -23.17
C GLU B 323 18.93 -13.88 -22.59
N ASP B 324 19.91 -14.23 -23.41
CA ASP B 324 21.27 -14.44 -22.93
C ASP B 324 22.14 -13.21 -23.11
N THR B 325 21.64 -12.16 -23.76
CA THR B 325 22.39 -10.92 -23.88
C THR B 325 22.47 -10.24 -22.51
N ARG B 326 23.68 -9.87 -22.11
CA ARG B 326 23.88 -9.13 -20.87
C ARG B 326 24.42 -7.73 -21.13
N MET B 327 24.76 -7.39 -22.38
CA MET B 327 25.18 -6.05 -22.74
C MET B 327 24.72 -5.78 -24.17
N GLY B 328 23.86 -4.77 -24.33
CA GLY B 328 23.41 -4.38 -25.64
C GLY B 328 24.27 -3.25 -26.19
N PRO B 329 23.73 -2.51 -27.16
CA PRO B 329 24.47 -1.39 -27.73
C PRO B 329 24.40 -0.17 -26.83
N LEU B 330 25.29 0.78 -27.08
CA LEU B 330 25.20 2.06 -26.41
C LEU B 330 24.04 2.87 -27.00
N ILE B 331 23.72 3.99 -26.33
CA ILE B 331 22.42 4.63 -26.57
C ILE B 331 22.33 5.19 -27.99
N ASN B 332 23.39 5.80 -28.49
CA ASN B 332 23.41 6.27 -29.86
C ASN B 332 24.86 6.38 -30.33
N ARG B 333 25.03 6.61 -31.63
CA ARG B 333 26.39 6.68 -32.20
C ARG B 333 27.24 7.77 -31.58
N PRO B 334 26.77 9.02 -31.42
CA PRO B 334 27.63 10.02 -30.79
C PRO B 334 28.08 9.66 -29.38
N HIS B 335 27.26 8.89 -28.65
CA HIS B 335 27.68 8.47 -27.32
C HIS B 335 28.73 7.38 -27.38
N LEU B 336 28.58 6.43 -28.32
CA LEU B 336 29.59 5.40 -28.49
C LEU B 336 30.95 6.00 -28.82
N GLU B 337 30.97 6.99 -29.71
CA GLU B 337 32.23 7.65 -30.05
C GLU B 337 32.81 8.36 -28.84
N ARG B 338 31.96 8.97 -28.01
CA ARG B 338 32.47 9.67 -26.84
C ARG B 338 33.07 8.70 -25.82
N VAL B 339 32.52 7.50 -25.70
CA VAL B 339 33.10 6.50 -24.81
C VAL B 339 34.41 5.97 -25.38
N LEU B 340 34.40 5.62 -26.67
CA LEU B 340 35.62 5.14 -27.33
C LEU B 340 36.71 6.20 -27.27
N GLY B 341 36.35 7.47 -27.41
CA GLY B 341 37.33 8.53 -27.29
C GLY B 341 37.96 8.61 -25.93
N PHE B 342 37.20 8.25 -24.88
CA PHE B 342 37.77 8.20 -23.53
C PHE B 342 38.81 7.09 -23.42
N VAL B 343 38.56 5.96 -24.06
CA VAL B 343 39.52 4.86 -24.03
C VAL B 343 40.82 5.26 -24.73
N LYS B 344 40.68 5.86 -25.93
CA LYS B 344 41.87 6.30 -26.67
C LYS B 344 42.71 7.28 -25.87
N VAL B 345 42.06 8.26 -25.23
CA VAL B 345 42.78 9.25 -24.43
C VAL B 345 43.52 8.56 -23.29
N ALA B 346 42.86 7.60 -22.63
CA ALA B 346 43.50 6.88 -21.53
C ALA B 346 44.77 6.18 -21.99
N LYS B 347 44.74 5.57 -23.18
CA LYS B 347 45.93 4.88 -23.69
C LYS B 347 47.12 5.83 -23.83
N GLU B 348 46.89 7.00 -24.44
CA GLU B 348 47.98 7.96 -24.56
C GLU B 348 48.31 8.66 -23.25
N GLN B 349 47.50 8.45 -22.21
CA GLN B 349 47.82 8.95 -20.87
C GLN B 349 48.54 7.92 -20.00
N GLY B 350 48.78 6.73 -20.53
CA GLY B 350 49.55 5.70 -19.84
C GLY B 350 48.76 4.48 -19.41
N ALA B 351 47.44 4.48 -19.58
CA ALA B 351 46.64 3.34 -19.16
C ALA B 351 46.87 2.13 -20.06
N LYS B 352 46.66 0.95 -19.49
CA LYS B 352 46.82 -0.31 -20.20
C LYS B 352 45.45 -0.95 -20.43
N VAL B 353 45.17 -1.33 -21.67
CA VAL B 353 43.91 -1.97 -22.02
C VAL B 353 44.09 -3.47 -21.94
N LEU B 354 43.29 -4.13 -21.10
CA LEU B 354 43.32 -5.58 -21.00
C LEU B 354 42.22 -6.27 -21.80
N CYS B 355 41.12 -5.59 -22.07
CA CYS B 355 40.09 -6.11 -22.95
C CYS B 355 39.16 -4.97 -23.33
N GLY B 356 38.42 -5.16 -24.42
CA GLY B 356 37.43 -4.20 -24.86
C GLY B 356 38.02 -2.85 -25.21
N GLY B 357 37.15 -1.84 -25.12
CA GLY B 357 37.53 -0.48 -25.50
C GLY B 357 37.48 -0.22 -26.98
N ASP B 358 36.81 -1.08 -27.75
CA ASP B 358 36.76 -0.93 -29.19
C ASP B 358 35.42 -1.43 -29.71
N ILE B 359 35.20 -1.20 -31.00
CA ILE B 359 33.96 -1.63 -31.66
C ILE B 359 33.79 -3.14 -31.53
N TYR B 360 32.53 -3.57 -31.39
CA TYR B 360 32.16 -4.98 -31.42
C TYR B 360 31.32 -5.23 -32.66
N VAL B 361 31.78 -6.11 -33.52
CA VAL B 361 31.08 -6.44 -34.77
C VAL B 361 30.32 -7.74 -34.58
N PRO B 362 29.00 -7.72 -34.42
CA PRO B 362 28.25 -8.96 -34.23
C PRO B 362 28.13 -9.73 -35.53
N GLU B 363 27.94 -11.05 -35.39
CA GLU B 363 27.71 -11.90 -36.56
C GLU B 363 26.39 -11.55 -37.24
N ASP B 364 25.34 -11.32 -36.45
CA ASP B 364 24.02 -11.03 -36.99
C ASP B 364 24.08 -9.83 -37.91
N PRO B 365 23.62 -9.95 -39.17
CA PRO B 365 23.72 -8.82 -40.11
C PRO B 365 22.76 -7.69 -39.84
N LYS B 366 21.64 -7.94 -39.15
CA LYS B 366 20.73 -6.84 -38.85
C LYS B 366 21.30 -5.91 -37.79
N LEU B 367 22.27 -6.36 -37.01
CA LEU B 367 22.91 -5.55 -35.98
C LEU B 367 24.22 -4.90 -36.44
N LYS B 368 24.61 -5.08 -37.70
CA LYS B 368 25.94 -4.62 -38.13
C LYS B 368 26.12 -3.11 -38.02
N ASP B 369 25.03 -2.34 -38.04
CA ASP B 369 25.10 -0.89 -37.89
C ASP B 369 24.75 -0.43 -36.48
N GLY B 370 24.69 -1.35 -35.51
CA GLY B 370 24.43 -0.97 -34.14
C GLY B 370 25.65 -0.36 -33.47
N TYR B 371 25.40 0.28 -32.33
CA TYR B 371 26.43 1.00 -31.60
C TYR B 371 26.99 0.13 -30.49
N TYR B 372 27.75 -0.89 -30.90
CA TYR B 372 28.27 -1.88 -29.98
C TYR B 372 29.73 -1.61 -29.65
N MET B 373 30.14 -2.09 -28.48
CA MET B 373 31.54 -2.02 -28.06
C MET B 373 31.76 -3.06 -26.98
N ARG B 374 32.96 -3.63 -26.95
CA ARG B 374 33.26 -4.60 -25.91
C ARG B 374 33.53 -3.89 -24.58
N PRO B 375 33.08 -4.45 -23.46
CA PRO B 375 33.36 -3.83 -22.17
C PRO B 375 34.86 -3.78 -21.90
N CYS B 376 35.30 -2.67 -21.33
CA CYS B 376 36.72 -2.33 -21.24
C CYS B 376 37.20 -2.38 -19.81
N VAL B 377 38.42 -2.90 -19.62
CA VAL B 377 39.11 -2.89 -18.33
C VAL B 377 40.44 -2.17 -18.52
N LEU B 378 40.75 -1.25 -17.61
CA LEU B 378 41.95 -0.43 -17.67
C LEU B 378 42.77 -0.64 -16.40
N THR B 379 44.05 -0.97 -16.57
CA THR B 379 44.97 -1.10 -15.45
C THR B 379 46.08 -0.05 -15.57
N ASN B 380 46.92 -0.01 -14.53
CA ASN B 380 48.02 0.96 -14.42
C ASN B 380 47.51 2.40 -14.54
N CYS B 381 46.38 2.67 -13.90
CA CYS B 381 45.76 3.98 -13.91
C CYS B 381 46.28 4.83 -12.76
N ARG B 382 46.08 6.15 -12.88
CA ARG B 382 46.47 7.10 -11.86
C ARG B 382 45.31 8.07 -11.61
N ASP B 383 45.35 8.73 -10.45
CA ASP B 383 44.30 9.67 -10.09
C ASP B 383 44.30 10.91 -10.98
N ASP B 384 45.45 11.26 -11.56
CA ASP B 384 45.56 12.40 -12.45
C ASP B 384 45.09 12.08 -13.87
N MET B 385 44.84 10.82 -14.18
CA MET B 385 44.35 10.45 -15.50
C MET B 385 42.93 10.99 -15.72
N THR B 386 42.63 11.31 -16.98
CA THR B 386 41.32 11.88 -17.29
C THR B 386 40.21 10.84 -17.18
N CYS B 387 40.54 9.56 -17.39
CA CYS B 387 39.56 8.48 -17.28
C CYS B 387 39.32 8.05 -15.83
N VAL B 388 39.74 8.85 -14.86
CA VAL B 388 39.60 8.50 -13.46
C VAL B 388 38.84 9.61 -12.74
N LYS B 389 38.98 10.83 -13.23
CA LYS B 389 38.33 11.98 -12.62
C LYS B 389 37.12 12.45 -13.42
N GLU B 390 36.76 11.76 -14.49
CA GLU B 390 35.61 12.12 -15.30
C GLU B 390 34.68 10.92 -15.46
N GLU B 391 33.38 11.18 -15.36
CA GLU B 391 32.38 10.12 -15.55
C GLU B 391 32.30 9.77 -17.02
N ILE B 392 32.71 8.55 -17.37
CA ILE B 392 32.74 8.13 -18.77
C ILE B 392 31.33 7.82 -19.28
N PHE B 393 30.44 7.34 -18.40
CA PHE B 393 29.09 6.93 -18.77
C PHE B 393 29.12 5.87 -19.86
N GLY B 394 30.10 4.97 -19.77
CA GLY B 394 30.24 3.87 -20.69
C GLY B 394 30.85 2.68 -20.00
N PRO B 395 30.94 1.55 -20.70
CA PRO B 395 31.44 0.32 -20.06
C PRO B 395 32.96 0.29 -19.98
N VAL B 396 33.52 1.10 -19.08
CA VAL B 396 34.98 1.22 -18.93
C VAL B 396 35.30 1.20 -17.44
N MET B 397 36.11 0.22 -17.02
CA MET B 397 36.50 0.07 -15.63
C MET B 397 37.94 0.53 -15.43
N SER B 398 38.17 1.28 -14.35
CA SER B 398 39.49 1.81 -14.01
C SER B 398 39.97 1.16 -12.71
N ILE B 399 41.04 0.39 -12.79
CA ILE B 399 41.59 -0.32 -11.66
C ILE B 399 42.80 0.46 -11.14
N LEU B 400 42.76 0.81 -9.86
CA LEU B 400 43.84 1.55 -9.20
C LEU B 400 44.35 0.75 -8.02
N SER B 401 45.67 0.61 -7.93
CA SER B 401 46.29 -0.13 -6.85
C SER B 401 46.58 0.78 -5.67
N PHE B 402 46.49 0.23 -4.46
CA PHE B 402 46.77 0.99 -3.25
C PHE B 402 47.42 0.07 -2.22
N ASP B 403 48.20 0.67 -1.33
CA ASP B 403 48.98 -0.08 -0.35
C ASP B 403 48.18 -0.36 0.93
N THR B 404 47.67 0.68 1.58
CA THR B 404 47.07 0.56 2.88
C THR B 404 45.71 1.25 2.90
N GLU B 405 44.96 1.01 3.98
CA GLU B 405 43.65 1.64 4.16
C GLU B 405 43.78 3.17 4.19
N ALA B 406 44.83 3.68 4.84
CA ALA B 406 45.02 5.12 4.95
C ALA B 406 45.14 5.77 3.57
N GLU B 407 45.98 5.20 2.71
CA GLU B 407 46.20 5.78 1.38
C GLU B 407 44.89 5.86 0.59
N VAL B 408 44.15 4.75 0.52
CA VAL B 408 42.94 4.73 -0.28
C VAL B 408 41.85 5.60 0.33
N LEU B 409 41.91 5.86 1.64
CA LEU B 409 40.97 6.76 2.26
C LEU B 409 41.22 8.20 1.82
N GLU B 410 42.50 8.58 1.67
CA GLU B 410 42.86 9.94 1.30
C GLU B 410 42.88 10.15 -0.21
N ARG B 411 42.75 9.09 -1.00
CA ARG B 411 42.67 9.21 -2.45
C ARG B 411 41.24 9.28 -2.95
N ALA B 412 40.28 8.77 -2.18
CA ALA B 412 38.89 8.69 -2.59
C ALA B 412 37.98 9.64 -1.82
N ASN B 413 38.55 10.55 -1.03
CA ASN B 413 37.76 11.47 -0.22
C ASN B 413 37.40 12.75 -0.96
N ASP B 414 37.74 12.84 -2.25
CA ASP B 414 37.27 13.92 -3.12
C ASP B 414 35.89 13.63 -3.70
N THR B 415 35.21 12.60 -3.20
CA THR B 415 33.89 12.23 -3.70
C THR B 415 32.80 13.07 -3.05
N THR B 416 31.84 13.50 -3.86
CA THR B 416 30.72 14.28 -3.35
C THR B 416 29.67 13.36 -2.75
N PHE B 417 28.80 13.96 -1.92
CA PHE B 417 27.75 13.19 -1.25
C PHE B 417 26.82 12.52 -2.26
N GLY B 418 26.53 13.20 -3.37
CA GLY B 418 25.58 12.67 -4.34
C GLY B 418 26.01 11.37 -5.00
N LEU B 419 27.30 11.05 -4.96
CA LEU B 419 27.80 9.83 -5.59
C LEU B 419 27.70 8.65 -4.63
N ALA B 420 27.76 7.45 -5.22
CA ALA B 420 27.73 6.22 -4.44
C ALA B 420 29.15 5.72 -4.17
N ALA B 421 29.24 4.65 -3.38
CA ALA B 421 30.53 4.06 -3.05
C ALA B 421 30.29 2.63 -2.60
N GLY B 422 31.35 1.83 -2.65
CA GLY B 422 31.26 0.44 -2.25
C GLY B 422 32.56 -0.09 -1.67
N VAL B 423 32.46 -0.91 -0.64
CA VAL B 423 33.61 -1.51 0.01
C VAL B 423 33.38 -3.03 0.11
N PHE B 424 34.46 -3.79 -0.03
CA PHE B 424 34.42 -5.24 0.05
C PHE B 424 35.43 -5.68 1.09
N THR B 425 34.95 -6.18 2.23
CA THR B 425 35.82 -6.57 3.33
C THR B 425 35.02 -7.43 4.31
N ARG B 426 35.70 -8.40 4.92
CA ARG B 426 35.10 -9.26 5.93
C ARG B 426 35.46 -8.77 7.33
N ASP B 427 34.99 -7.56 7.65
CA ASP B 427 35.33 -6.91 8.90
C ASP B 427 34.20 -5.94 9.25
N ILE B 428 33.48 -6.24 10.33
CA ILE B 428 32.38 -5.37 10.74
C ILE B 428 32.90 -4.02 11.22
N GLN B 429 34.15 -3.94 11.65
CA GLN B 429 34.76 -2.69 12.05
C GLN B 429 35.33 -1.92 10.86
N ARG B 430 36.15 -2.59 10.05
CA ARG B 430 36.80 -1.92 8.93
C ARG B 430 35.79 -1.44 7.90
N ALA B 431 34.70 -2.18 7.71
CA ALA B 431 33.70 -1.78 6.72
C ALA B 431 33.02 -0.48 7.13
N HIS B 432 32.34 -0.48 8.27
CA HIS B 432 31.61 0.70 8.71
C HIS B 432 32.55 1.88 8.97
N ARG B 433 33.80 1.60 9.35
CA ARG B 433 34.77 2.67 9.56
C ARG B 433 35.14 3.35 8.25
N VAL B 434 35.37 2.57 7.20
CA VAL B 434 35.72 3.16 5.90
C VAL B 434 34.49 3.83 5.29
N VAL B 435 33.30 3.25 5.50
CA VAL B 435 32.08 3.85 4.98
C VAL B 435 31.76 5.14 5.74
N ALA B 436 32.13 5.22 7.01
CA ALA B 436 31.89 6.45 7.77
C ALA B 436 32.79 7.58 7.28
N GLU B 437 34.09 7.32 7.16
CA GLU B 437 35.04 8.34 6.74
C GLU B 437 34.74 8.87 5.35
N LEU B 438 34.24 8.01 4.46
CA LEU B 438 33.92 8.42 3.10
C LEU B 438 32.78 9.43 3.08
N GLN B 439 32.84 10.35 2.10
CA GLN B 439 31.84 11.40 1.96
C GLN B 439 30.66 10.99 1.08
N ALA B 440 30.72 9.84 0.44
CA ALA B 440 29.64 9.43 -0.46
C ALA B 440 28.35 9.20 0.31
N GLY B 441 27.23 9.54 -0.34
CA GLY B 441 25.94 9.47 0.32
C GLY B 441 25.29 8.10 0.30
N THR B 442 25.59 7.30 -0.72
CA THR B 442 24.99 5.97 -0.86
C THR B 442 26.11 4.94 -0.88
N CYS B 443 26.27 4.20 0.22
CA CYS B 443 27.37 3.26 0.35
C CYS B 443 26.87 1.82 0.30
N PHE B 444 27.78 0.92 -0.05
CA PHE B 444 27.51 -0.50 -0.18
C PHE B 444 28.61 -1.28 0.54
N ILE B 445 28.23 -2.33 1.25
CA ILE B 445 29.19 -3.22 1.89
C ILE B 445 29.06 -4.59 1.24
N ASN B 446 30.17 -5.07 0.66
CA ASN B 446 30.25 -6.39 0.05
C ASN B 446 29.20 -6.59 -1.05
N ASN B 447 28.88 -5.52 -1.78
CA ASN B 447 27.98 -5.59 -2.94
C ASN B 447 28.00 -4.24 -3.63
N TYR B 448 27.15 -4.09 -4.64
CA TYR B 448 26.94 -2.80 -5.30
C TYR B 448 25.53 -2.79 -5.91
N PHE B 465 12.08 -0.32 0.47
CA PHE B 465 11.74 1.09 0.36
C PHE B 465 11.67 1.79 1.71
N GLY B 466 10.98 1.17 2.65
CA GLY B 466 10.78 1.77 3.96
C GLY B 466 9.69 2.82 3.93
N ARG B 467 9.69 3.67 4.96
CA ARG B 467 8.71 4.75 5.09
C ARG B 467 9.29 6.13 4.80
N GLU B 468 10.56 6.35 5.12
CA GLU B 468 11.17 7.68 4.99
C GLU B 468 11.15 8.17 3.54
N ASN B 469 11.69 7.36 2.62
CA ASN B 469 11.79 7.77 1.22
C ASN B 469 10.43 8.21 0.67
N GLY B 470 9.37 7.47 0.99
CA GLY B 470 8.04 7.87 0.54
C GLY B 470 7.61 9.21 1.10
N ARG B 471 7.74 9.40 2.41
CA ARG B 471 7.33 10.64 3.04
C ARG B 471 8.09 11.83 2.47
N VAL B 472 9.41 11.70 2.33
CA VAL B 472 10.23 12.78 1.79
C VAL B 472 9.84 13.08 0.35
N THR B 473 9.64 12.04 -0.44
CA THR B 473 9.24 12.25 -1.83
C THR B 473 7.84 12.84 -1.91
N ILE B 474 6.95 12.43 -1.00
CA ILE B 474 5.60 13.00 -0.97
C ILE B 474 5.66 14.47 -0.57
N GLU B 475 6.56 14.83 0.35
CA GLU B 475 6.73 16.22 0.73
C GLU B 475 7.17 17.07 -0.46
N TYR B 476 7.94 16.49 -1.39
CA TYR B 476 8.35 17.25 -2.57
C TYR B 476 7.17 17.58 -3.46
N TYR B 477 6.16 16.71 -3.51
CA TYR B 477 5.03 16.89 -4.40
C TYR B 477 3.78 17.40 -3.68
N SER B 478 3.93 18.01 -2.51
CA SER B 478 2.79 18.48 -1.74
C SER B 478 3.21 19.63 -0.85
N GLN B 479 2.21 20.27 -0.23
CA GLN B 479 2.44 21.36 0.71
C GLN B 479 1.53 21.18 1.91
N LEU B 480 1.95 21.72 3.04
CA LEU B 480 1.24 21.57 4.31
C LEU B 480 0.35 22.79 4.55
N LYS B 481 -0.96 22.57 4.56
CA LYS B 481 -1.92 23.60 4.93
C LYS B 481 -2.30 23.42 6.40
N THR B 482 -2.09 24.45 7.19
CA THR B 482 -2.43 24.42 8.61
C THR B 482 -3.73 25.18 8.85
N VAL B 483 -4.46 24.73 9.86
CA VAL B 483 -5.70 25.38 10.30
C VAL B 483 -5.69 25.44 11.82
N CYS B 484 -5.90 26.64 12.37
CA CYS B 484 -6.00 26.84 13.81
C CYS B 484 -7.46 27.13 14.16
N VAL B 485 -8.05 26.28 14.99
CA VAL B 485 -9.45 26.37 15.38
C VAL B 485 -9.49 26.89 16.81
N GLU B 486 -9.96 28.12 16.98
CA GLU B 486 -10.11 28.74 18.29
C GLU B 486 -11.46 28.34 18.89
N MET B 487 -11.43 27.58 19.97
CA MET B 487 -12.66 27.19 20.65
C MET B 487 -13.14 28.24 21.63
N GLY B 488 -12.22 28.94 22.29
CA GLY B 488 -12.53 29.94 23.29
C GLY B 488 -12.56 31.35 22.73
N ASP B 489 -12.27 32.31 23.60
CA ASP B 489 -12.29 33.72 23.25
C ASP B 489 -10.90 34.19 22.82
N VAL B 490 -10.88 35.31 22.10
CA VAL B 490 -9.64 35.89 21.59
C VAL B 490 -9.04 36.78 22.68
N GLU B 491 -7.74 36.63 22.93
CA GLU B 491 -7.03 37.42 23.93
C GLU B 491 -6.36 38.59 23.22
N SER B 492 -7.01 39.75 23.26
CA SER B 492 -6.45 40.95 22.64
C SER B 492 -5.34 41.51 23.49
N ALA B 493 -4.21 41.84 22.86
CA ALA B 493 -3.14 42.53 23.57
C ALA B 493 -3.50 43.97 23.89
N PHE B 494 -4.48 44.53 23.19
CA PHE B 494 -4.84 45.93 23.37
C PHE B 494 -5.98 46.07 24.37
PA NAD C . -20.03 -13.55 22.57
O1A NAD C . -20.40 -11.96 22.84
O2A NAD C . -20.03 -14.30 23.87
O5B NAD C . -18.52 -13.70 21.86
C5B NAD C . -17.62 -14.69 22.41
C4B NAD C . -16.70 -15.29 21.28
O4B NAD C . -15.50 -16.11 21.98
C3B NAD C . -17.35 -16.17 20.61
O3B NAD C . -16.61 -16.49 19.34
C2B NAD C . -17.33 -17.41 21.55
O2B NAD C . -17.43 -18.58 20.85
C1B NAD C . -15.97 -17.32 22.25
N9A NAD C . -16.12 -17.50 23.69
C8A NAD C . -17.07 -17.46 24.63
N7A NAD C . -16.48 -17.74 25.80
C5A NAD C . -15.16 -17.95 25.57
C6A NAD C . -14.11 -18.27 26.42
N6A NAD C . -14.40 -18.43 27.88
N1A NAD C . -12.88 -18.43 25.95
C2A NAD C . -12.64 -18.27 24.60
N3A NAD C . -13.66 -17.96 23.75
C4A NAD C . -14.93 -17.80 24.26
O3 NAD C . -21.06 -14.13 21.64
PA NAD D . 21.09 14.78 -20.44
O1A NAD D . 21.69 16.15 -20.36
O2A NAD D . 20.94 14.36 -21.87
O5B NAD D . 19.58 14.82 -19.70
C5B NAD D . 19.01 16.11 -19.45
C4B NAD D . 17.44 16.05 -19.56
O4B NAD D . 16.84 17.53 -19.33
C3B NAD D . 17.08 15.69 -20.75
O3B NAD D . 15.77 14.93 -20.69
C2B NAD D . 16.86 17.00 -21.55
O2B NAD D . 15.82 16.86 -22.42
C1B NAD D . 16.57 18.06 -20.51
N9A NAD D . 17.39 19.25 -20.74
C8A NAD D . 18.57 19.56 -21.26
N7A NAD D . 18.69 20.90 -21.18
C5A NAD D . 17.58 21.39 -20.60
C6A NAD D . 17.20 22.70 -20.26
N6A NAD D . 18.14 23.81 -20.59
N1A NAD D . 16.03 22.93 -19.70
C2A NAD D . 15.18 21.87 -19.41
N3A NAD D . 15.54 20.61 -19.73
C4A NAD D . 16.75 20.37 -20.33
O3 NAD D . 22.08 13.70 -19.67
#